data_3JD8
#
_entry.id   3JD8
#
_cell.length_a   1.0
_cell.length_b   1.0
_cell.length_c   1.0
_cell.angle_alpha   90.00
_cell.angle_beta   90.00
_cell.angle_gamma   90.00
#
_symmetry.space_group_name_H-M   'P 1'
#
loop_
_entity.id
_entity.type
_entity.pdbx_description
1 polymer 'Niemann-Pick C1 protein'
2 branched 2-acetamido-2-deoxy-beta-D-glucopyranose-(1-4)-2-acetamido-2-deoxy-beta-D-glucopyranose
3 branched beta-D-mannopyranose-(1-4)-2-acetamido-2-deoxy-beta-D-glucopyranose-(1-4)-2-acetamido-2-deoxy-beta-D-glucopyranose
4 branched alpha-D-mannopyranose-(1-6)-beta-D-mannopyranose-(1-4)-2-acetamido-2-deoxy-beta-D-glucopyranose-(1-4)-2-acetamido-2-deoxy-beta-D-glucopyranose
5 non-polymer 2-acetamido-2-deoxy-beta-D-glucopyranose
6 non-polymer CHOLESTEROL
#
_entity_poly.entity_id   1
_entity_poly.type   'polypeptide(L)'
_entity_poly.pdbx_seq_one_letter_code
;MTARGLALGLLLLLLCPAQVFSQSCVWYGECGIAYGDKRYNCEYSGPPKPLPKDGYDLVQELCPGFFFGNVSLCCDVRQL
QTLKDNLQLPLQFLSRCPSCFYNLLNLFCELTCSPRQSQFLNVTATEDYVDPVTNQTKTNVKELQYYVGQSFANAMYNAC
RDVEAPSSNDKALGLLCGKDADACNATNWIEYMFNKDNGQAPFTITPVFSDFPVHGMEPMNNATKGCDESVDEVTAPCSC
QDCSIVCGPKPQPPPPPAPWTILGLDAMYVIMWITYMAFLLVFFGAFFAVWCYRKRYFVSEYTPIDSNIAFSVNASDKGE
ASCCDPVSAAFEGCLRRLFTRWGSFCVRNPGCVIFFSLVFITACSSGLVFVRVTTNPVDLWSAPSSQARLEKEYFDQHFG
PFFRTEQLIIRAPLTDKHIYQPYPSGADVPFGPPLDIQILHQVLDLQIAIENITASYDNETVTLQDICLAPLSPYNTNCT
ILSVLNYFQNSHSVLDHKKGDDFFVYADYHTHFLYCVRAPASLNDTSLLHDPCLGTFGGPVFPWLVLGGYDDQNYNNATA
LVITFPVNNYYNDTEKLQRAQAWEKEFINFVKNYKNPNLTISFTAERSIEDELNRESDSDVFTVVISYAIMFLYISLALG
HMKSCRRLLVDSKVSLGIAGILIVLSSVACSLGVFSYIGLPLTLIVIEVIPFLVLAVGVDNIFILVQAYQRDERLQGETL
DQQLGRVLGEVAPSMFLSSFSETVAFFLGALSVMPAVHTFSLFAGLAVFIDFLLQITCFVSLLGLDIKRQEKNRLDIFCC
VRGAEDGTSVQASESCLFRFFKNSYSPLLLKDWMRPIVIAIFVGVLSFSIAVLNKVDIGLDQSLSMPDDSYMVDYFKSIS
QYLHAGPPVYFVLEEGHDYTSSKGQNMVCGGMGCNNDSLVQQIFNAAQLDNYTRIGFAPSSWIDDYFDWVKPQSSCCRVD
NITDQFCNASVVDPACVRCRPLTPEGKQRPQGGDFMRFLPMFLSDNPNPKCGKGGHAAYSSAVNILLGHGTRVGATYFMT
YHTVLQTSADFIDALKKARLIASNVTETMGINGSAYRVFPYSVFYVFYEQYLTIIDDTIFNLGVSLGAIFLVTMVLLGCE
LWSAVIMCATIAMVLVNMFGVMWLWGISLNAVSLVNLVMSCGISVEFCSHITRAFTVSMKGSRVERAEEALAHMGSSVFS
GITLTKFGGIVVLAFAKSQIFQIFYFRMYLAMVLLGATHGLIFLPVLLSYIGPSVNKAKSCATEERYKGTERERLLNF
;
_entity_poly.pdbx_strand_id   A
#
loop_
_chem_comp.id
_chem_comp.type
_chem_comp.name
_chem_comp.formula
BMA D-saccharide, beta linking beta-D-mannopyranose 'C6 H12 O6'
CLR non-polymer CHOLESTEROL 'C27 H46 O'
MAN D-saccharide, alpha linking alpha-D-mannopyranose 'C6 H12 O6'
NAG D-saccharide, beta linking 2-acetamido-2-deoxy-beta-D-glucopyranose 'C8 H15 N O6'
#
# COMPACT_ATOMS: atom_id res chain seq x y z
N GLN A 23 2.62 67.17 -17.52
CA GLN A 23 1.81 65.94 -17.82
C GLN A 23 0.53 66.32 -18.54
N SER A 24 0.22 65.56 -19.61
CA SER A 24 -0.97 65.84 -20.39
C SER A 24 -1.58 64.57 -20.94
N CYS A 25 -2.91 64.60 -21.04
CA CYS A 25 -3.74 63.53 -21.58
C CYS A 25 -4.00 63.74 -23.07
N VAL A 26 -4.52 62.69 -23.71
CA VAL A 26 -5.12 62.78 -25.04
C VAL A 26 -6.60 62.46 -25.02
N TRP A 27 -7.03 61.76 -23.98
CA TRP A 27 -8.45 61.48 -23.78
C TRP A 27 -8.89 61.50 -22.32
N TYR A 28 -10.20 61.50 -22.08
CA TYR A 28 -10.71 61.32 -20.73
C TYR A 28 -12.20 60.99 -20.79
N GLY A 29 -12.58 59.81 -20.29
CA GLY A 29 -13.97 59.39 -20.30
C GLY A 29 -14.41 58.79 -21.62
N GLU A 30 -15.59 58.17 -21.60
CA GLU A 30 -16.15 57.57 -22.82
C GLU A 30 -17.16 58.46 -23.52
N CYS A 31 -17.16 58.37 -24.84
CA CYS A 31 -18.07 59.15 -25.68
C CYS A 31 -19.00 58.21 -26.48
N GLY A 32 -19.02 58.31 -27.80
CA GLY A 32 -20.03 57.62 -28.61
C GLY A 32 -19.73 56.15 -28.90
N ILE A 33 -20.74 55.44 -29.41
CA ILE A 33 -20.57 54.07 -29.85
C ILE A 33 -19.73 53.99 -31.12
N ALA A 34 -18.78 53.08 -31.11
CA ALA A 34 -18.02 52.74 -32.30
C ALA A 34 -18.77 51.68 -33.12
N TYR A 35 -18.93 50.50 -32.53
CA TYR A 35 -19.74 49.41 -33.10
C TYR A 35 -20.11 48.46 -31.95
N GLY A 36 -21.09 47.59 -32.18
CA GLY A 36 -21.59 46.70 -31.12
C GLY A 36 -21.80 47.46 -29.82
N ASP A 37 -21.24 46.93 -28.73
CA ASP A 37 -21.34 47.62 -27.42
C ASP A 37 -20.12 48.46 -27.09
N LYS A 38 -19.41 48.87 -28.13
CA LYS A 38 -18.06 49.40 -27.97
C LYS A 38 -18.03 50.91 -28.18
N ARG A 39 -17.21 51.58 -27.36
CA ARG A 39 -17.19 53.03 -27.31
C ARG A 39 -15.85 53.62 -27.72
N TYR A 40 -15.92 54.79 -28.33
CA TYR A 40 -14.77 55.66 -28.39
C TYR A 40 -14.63 56.41 -27.08
N ASN A 41 -13.41 56.84 -26.80
CA ASN A 41 -13.16 57.76 -25.70
C ASN A 41 -13.24 59.23 -26.13
N CYS A 42 -13.50 60.13 -25.18
CA CYS A 42 -13.63 61.55 -25.49
C CYS A 42 -12.26 62.20 -25.56
N GLU A 43 -12.04 62.98 -26.61
CA GLU A 43 -10.80 63.74 -26.71
C GLU A 43 -10.68 64.74 -25.56
N TYR A 44 -9.48 64.79 -24.98
CA TYR A 44 -9.19 65.72 -23.87
C TYR A 44 -7.68 65.91 -23.78
N SER A 45 -7.25 67.17 -23.78
CA SER A 45 -5.82 67.47 -23.82
C SER A 45 -5.30 68.22 -22.59
N GLY A 46 -6.09 68.21 -21.51
CA GLY A 46 -5.67 68.79 -20.25
C GLY A 46 -4.82 67.86 -19.41
N PRO A 47 -4.51 68.30 -18.18
CA PRO A 47 -3.76 67.50 -17.22
C PRO A 47 -4.58 66.30 -16.71
N PRO A 48 -3.90 65.28 -16.15
CA PRO A 48 -4.62 64.15 -15.58
C PRO A 48 -5.43 64.60 -14.38
N LYS A 49 -6.46 63.85 -14.05
CA LYS A 49 -7.40 64.21 -12.98
C LYS A 49 -7.39 63.16 -11.87
N PRO A 50 -7.44 63.59 -10.60
CA PRO A 50 -7.48 62.62 -9.52
C PRO A 50 -8.70 61.71 -9.68
N LEU A 51 -8.46 60.42 -9.61
CA LEU A 51 -9.53 59.46 -9.77
C LEU A 51 -10.45 59.49 -8.56
N PRO A 52 -11.77 59.46 -8.78
CA PRO A 52 -12.69 59.37 -7.65
C PRO A 52 -12.45 58.11 -6.83
N LYS A 53 -12.71 58.19 -5.54
CA LYS A 53 -12.50 57.07 -4.64
C LYS A 53 -13.29 55.83 -5.05
N ASP A 54 -14.43 56.04 -5.71
CA ASP A 54 -15.24 54.91 -6.18
C ASP A 54 -14.57 54.06 -7.27
N GLY A 55 -13.44 54.54 -7.82
CA GLY A 55 -12.65 53.75 -8.78
C GLY A 55 -11.41 53.11 -8.17
N TYR A 56 -11.19 53.31 -6.86
CA TYR A 56 -9.95 52.81 -6.24
C TYR A 56 -9.83 51.29 -6.29
N ASP A 57 -10.94 50.56 -6.09
CA ASP A 57 -10.90 49.10 -6.25
C ASP A 57 -10.45 48.67 -7.64
N LEU A 58 -11.00 49.31 -8.67
CA LEU A 58 -10.65 48.98 -10.04
C LEU A 58 -9.18 49.27 -10.32
N VAL A 59 -8.72 50.44 -9.88
CA VAL A 59 -7.34 50.80 -10.19
C VAL A 59 -6.35 49.90 -9.43
N GLN A 60 -6.68 49.56 -8.19
CA GLN A 60 -5.86 48.65 -7.41
C GLN A 60 -5.75 47.29 -8.10
N GLU A 61 -6.86 46.87 -8.72
CA GLU A 61 -6.98 45.54 -9.33
C GLU A 61 -6.25 45.46 -10.68
N LEU A 62 -6.39 46.52 -11.44
CA LEU A 62 -5.98 46.51 -12.85
C LEU A 62 -4.61 47.12 -13.07
N CYS A 63 -4.35 48.22 -12.37
CA CYS A 63 -3.18 49.08 -12.64
C CYS A 63 -2.61 49.59 -11.32
N PRO A 64 -2.21 48.66 -10.42
CA PRO A 64 -1.75 49.07 -9.07
C PRO A 64 -0.52 49.96 -9.10
N GLY A 65 0.23 49.95 -10.21
CA GLY A 65 1.37 50.86 -10.37
C GLY A 65 0.99 52.33 -10.33
N PHE A 66 -0.26 52.62 -10.70
CA PHE A 66 -0.75 54.00 -10.69
C PHE A 66 -1.38 54.40 -9.36
N PHE A 67 -1.50 53.43 -8.45
CA PHE A 67 -2.30 53.63 -7.25
C PHE A 67 -1.50 54.25 -6.10
N PHE A 68 -1.21 55.53 -6.24
CA PHE A 68 -0.45 56.27 -5.23
C PHE A 68 -0.74 57.77 -5.34
N GLY A 69 -0.45 58.52 -4.28
CA GLY A 69 -0.67 59.96 -4.29
C GLY A 69 -2.12 60.32 -4.55
N ASN A 70 -2.34 61.30 -5.42
CA ASN A 70 -3.70 61.71 -5.77
C ASN A 70 -4.32 60.86 -6.88
N VAL A 71 -3.62 59.79 -7.25
CA VAL A 71 -4.11 58.87 -8.30
C VAL A 71 -4.61 59.70 -9.49
N SER A 72 -3.77 60.60 -9.97
CA SER A 72 -4.13 61.49 -11.07
C SER A 72 -3.88 60.75 -12.36
N LEU A 73 -4.96 60.52 -13.09
CA LEU A 73 -4.92 59.68 -14.28
C LEU A 73 -5.60 60.31 -15.47
N CYS A 74 -5.30 59.77 -16.66
CA CYS A 74 -6.01 60.20 -17.87
C CYS A 74 -7.17 59.26 -18.21
N CYS A 75 -7.69 58.58 -17.21
CA CYS A 75 -8.89 57.76 -17.39
C CYS A 75 -9.85 58.00 -16.23
N ASP A 76 -11.13 57.75 -16.50
CA ASP A 76 -12.15 57.79 -15.46
C ASP A 76 -12.59 56.39 -15.04
N VAL A 77 -13.53 56.32 -14.10
CA VAL A 77 -13.98 55.02 -13.61
C VAL A 77 -14.63 54.20 -14.72
N ARG A 78 -15.41 54.85 -15.58
CA ARG A 78 -16.03 54.13 -16.70
C ARG A 78 -15.01 53.38 -17.56
N GLN A 79 -13.91 54.06 -17.91
CA GLN A 79 -12.85 53.45 -18.71
C GLN A 79 -12.23 52.26 -18.01
N LEU A 80 -12.00 52.36 -16.71
CA LEU A 80 -11.42 51.25 -15.96
C LEU A 80 -12.38 50.04 -15.95
N GLN A 81 -13.67 50.32 -15.75
CA GLN A 81 -14.68 49.25 -15.81
C GLN A 81 -14.67 48.59 -17.19
N THR A 82 -14.56 49.40 -18.23
CA THR A 82 -14.51 48.88 -19.58
C THR A 82 -13.26 48.03 -19.77
N LEU A 83 -12.11 48.53 -19.28
CA LEU A 83 -10.91 47.72 -19.34
C LEU A 83 -11.12 46.36 -18.63
N LYS A 84 -11.65 46.36 -17.42
CA LYS A 84 -11.91 45.08 -16.71
C LYS A 84 -12.77 44.13 -17.52
N ASP A 85 -13.83 44.68 -18.10
CA ASP A 85 -14.82 43.89 -18.80
C ASP A 85 -14.19 43.24 -20.03
N ASN A 86 -13.24 43.95 -20.63
CA ASN A 86 -12.57 43.44 -21.82
C ASN A 86 -11.44 42.48 -21.56
N LEU A 87 -11.18 42.18 -20.29
CA LEU A 87 -10.03 41.32 -19.97
C LEU A 87 -10.33 39.84 -20.14
N GLN A 88 -11.59 39.52 -20.42
CA GLN A 88 -12.01 38.14 -20.43
C GLN A 88 -11.22 37.27 -21.40
N LEU A 89 -11.00 37.74 -22.63
CA LEU A 89 -10.34 36.85 -23.61
C LEU A 89 -8.85 36.72 -23.37
N PRO A 90 -8.15 37.81 -23.06
CA PRO A 90 -6.77 37.57 -22.62
C PRO A 90 -6.67 36.63 -21.43
N LEU A 91 -7.57 36.78 -20.46
CA LEU A 91 -7.55 35.91 -19.30
C LEU A 91 -7.84 34.48 -19.76
N GLN A 92 -8.76 34.35 -20.73
CA GLN A 92 -9.18 33.02 -21.23
C GLN A 92 -7.96 32.18 -21.57
N PHE A 93 -6.95 32.83 -22.15
CA PHE A 93 -5.82 32.07 -22.68
C PHE A 93 -4.51 32.24 -21.91
N LEU A 94 -4.39 33.32 -21.14
CA LEU A 94 -3.12 33.64 -20.49
C LEU A 94 -3.15 33.59 -18.97
N SER A 95 -4.31 33.29 -18.39
CA SER A 95 -4.47 33.45 -16.93
C SER A 95 -3.50 32.62 -16.11
N ARG A 96 -3.15 31.46 -16.66
CA ARG A 96 -2.29 30.51 -15.94
C ARG A 96 -0.88 31.04 -15.72
N CYS A 97 -0.46 32.00 -16.56
CA CYS A 97 0.92 32.53 -16.45
C CYS A 97 0.87 34.02 -16.04
N PRO A 98 0.86 34.30 -14.74
CA PRO A 98 0.63 35.67 -14.31
C PRO A 98 1.60 36.71 -14.85
N SER A 99 2.88 36.38 -15.01
CA SER A 99 3.84 37.36 -15.55
C SER A 99 3.48 37.76 -16.98
N CYS A 100 3.10 36.76 -17.80
CA CYS A 100 2.68 37.02 -19.17
C CYS A 100 1.48 37.97 -19.19
N PHE A 101 0.47 37.66 -18.39
CA PHE A 101 -0.74 38.51 -18.33
C PHE A 101 -0.44 39.91 -17.79
N TYR A 102 0.45 40.01 -16.81
CA TYR A 102 0.85 41.28 -16.18
C TYR A 102 1.39 42.33 -17.17
N ASN A 103 2.34 41.93 -18.01
CA ASN A 103 2.90 42.90 -18.98
C ASN A 103 1.83 43.33 -19.95
N LEU A 104 0.95 42.39 -20.35
CA LEU A 104 -0.12 42.74 -21.27
C LEU A 104 -1.06 43.76 -20.60
N LEU A 105 -1.43 43.49 -19.35
CA LEU A 105 -2.27 44.42 -18.61
C LEU A 105 -1.62 45.80 -18.56
N ASN A 106 -0.30 45.85 -18.34
CA ASN A 106 0.41 47.13 -18.26
C ASN A 106 0.40 47.90 -19.59
N LEU A 107 0.50 47.19 -20.71
CA LEU A 107 0.36 47.81 -22.02
C LEU A 107 -0.98 48.55 -22.10
N PHE A 108 -2.03 47.88 -21.64
CA PHE A 108 -3.35 48.49 -21.68
C PHE A 108 -3.57 49.57 -20.63
N CYS A 109 -3.03 49.37 -19.43
CA CYS A 109 -3.10 50.39 -18.34
C CYS A 109 -2.45 51.69 -18.78
N GLU A 110 -1.29 51.60 -19.42
CA GLU A 110 -0.55 52.80 -19.84
C GLU A 110 -1.34 53.56 -20.89
N LEU A 111 -1.84 52.83 -21.87
CA LEU A 111 -2.69 53.42 -22.89
C LEU A 111 -3.94 54.09 -22.32
N THR A 112 -4.59 53.38 -21.39
CA THR A 112 -5.88 53.82 -20.90
C THR A 112 -5.74 55.02 -19.94
N CYS A 113 -4.76 54.95 -19.05
CA CYS A 113 -4.73 55.81 -17.88
C CYS A 113 -3.48 56.65 -17.63
N SER A 114 -2.37 56.41 -18.32
CA SER A 114 -1.12 57.08 -17.92
C SER A 114 -1.27 58.60 -17.84
N PRO A 115 -0.78 59.20 -16.76
CA PRO A 115 -0.80 60.66 -16.68
C PRO A 115 0.20 61.29 -17.64
N ARG A 116 1.01 60.49 -18.31
CA ARG A 116 1.90 61.06 -19.35
C ARG A 116 1.57 60.56 -20.74
N GLN A 117 0.30 60.26 -20.95
CA GLN A 117 -0.19 59.80 -22.30
C GLN A 117 0.37 60.55 -23.48
N SER A 118 0.39 61.87 -23.36
CA SER A 118 0.76 62.75 -24.47
C SER A 118 2.20 62.49 -24.95
N GLN A 119 3.03 61.88 -24.10
CA GLN A 119 4.41 61.53 -24.50
C GLN A 119 4.46 60.39 -25.52
N PHE A 120 3.48 59.49 -25.45
CA PHE A 120 3.51 58.29 -26.28
C PHE A 120 2.26 57.98 -27.09
N LEU A 121 1.26 58.88 -27.04
CA LEU A 121 0.05 58.71 -27.83
C LEU A 121 -0.18 59.96 -28.64
N ASN A 122 -0.63 59.76 -29.88
CA ASN A 122 -0.93 60.87 -30.78
C ASN A 122 -2.22 60.64 -31.55
N VAL A 123 -3.25 61.41 -31.21
CA VAL A 123 -4.57 61.23 -31.85
C VAL A 123 -4.42 61.45 -33.34
N THR A 124 -5.01 60.56 -34.15
CA THR A 124 -4.85 60.65 -35.59
C THR A 124 -6.17 60.80 -36.33
N ALA A 125 -7.27 60.53 -35.66
CA ALA A 125 -8.59 60.72 -36.28
C ALA A 125 -9.63 60.97 -35.23
N THR A 126 -10.57 61.85 -35.55
CA THR A 126 -11.64 62.18 -34.64
C THR A 126 -12.97 62.32 -35.36
N GLU A 127 -14.05 62.33 -34.59
CA GLU A 127 -15.35 62.76 -35.14
C GLU A 127 -16.24 63.31 -34.03
N ASP A 128 -17.20 64.17 -34.38
CA ASP A 128 -18.04 64.82 -33.37
C ASP A 128 -18.84 63.83 -32.53
N TYR A 129 -18.98 64.14 -31.24
CA TYR A 129 -19.94 63.45 -30.38
C TYR A 129 -20.94 64.49 -29.90
N VAL A 130 -22.22 64.19 -30.03
CA VAL A 130 -23.26 65.09 -29.59
C VAL A 130 -24.05 64.44 -28.46
N ASP A 131 -24.13 65.15 -27.34
CA ASP A 131 -24.93 64.70 -26.22
C ASP A 131 -26.38 64.84 -26.66
N PRO A 132 -27.13 63.73 -26.69
CA PRO A 132 -28.54 63.71 -27.13
C PRO A 132 -29.47 64.65 -26.35
N VAL A 133 -29.20 64.87 -25.06
CA VAL A 133 -30.09 65.74 -24.25
C VAL A 133 -29.72 67.23 -24.33
N THR A 134 -28.42 67.53 -24.26
CA THR A 134 -27.97 68.92 -24.17
C THR A 134 -27.55 69.50 -25.52
N ASN A 135 -27.31 68.61 -26.49
CA ASN A 135 -26.73 68.97 -27.79
C ASN A 135 -25.33 69.60 -27.70
N GLN A 136 -24.68 69.46 -26.55
CA GLN A 136 -23.27 69.87 -26.42
C GLN A 136 -22.39 68.87 -27.15
N THR A 137 -21.47 69.40 -27.94
CA THR A 137 -20.55 68.59 -28.74
C THR A 137 -19.29 68.26 -27.97
N LYS A 138 -18.90 66.99 -28.03
CA LYS A 138 -17.58 66.54 -27.63
C LYS A 138 -16.98 65.85 -28.85
N THR A 139 -15.85 65.19 -28.65
CA THR A 139 -15.10 64.66 -29.78
C THR A 139 -14.71 63.23 -29.48
N ASN A 140 -15.14 62.30 -30.34
CA ASN A 140 -14.63 60.91 -30.31
C ASN A 140 -13.20 60.84 -30.80
N VAL A 141 -12.37 60.17 -30.04
CA VAL A 141 -11.07 59.74 -30.54
C VAL A 141 -11.28 58.48 -31.38
N LYS A 142 -11.21 58.66 -32.70
CA LYS A 142 -11.51 57.55 -33.63
C LYS A 142 -10.32 56.62 -33.85
N GLU A 143 -9.12 57.19 -33.87
CA GLU A 143 -7.90 56.40 -34.03
C GLU A 143 -6.76 57.17 -33.40
N LEU A 144 -5.76 56.44 -32.90
CA LEU A 144 -4.56 57.08 -32.42
C LEU A 144 -3.37 56.20 -32.62
N GLN A 145 -2.20 56.80 -32.51
CA GLN A 145 -0.96 56.07 -32.71
C GLN A 145 -0.30 55.91 -31.34
N TYR A 146 0.23 54.73 -31.03
CA TYR A 146 0.78 54.42 -29.72
C TYR A 146 2.23 54.02 -29.87
N TYR A 147 3.11 54.83 -29.26
CA TYR A 147 4.56 54.61 -29.35
C TYR A 147 4.94 53.65 -28.25
N VAL A 148 5.25 52.40 -28.62
CA VAL A 148 5.48 51.30 -27.69
C VAL A 148 6.97 50.98 -27.73
N GLY A 149 7.61 50.85 -26.57
CA GLY A 149 9.02 50.45 -26.53
C GLY A 149 9.24 49.15 -27.31
N GLN A 150 10.32 49.10 -28.07
CA GLN A 150 10.70 47.85 -28.74
C GLN A 150 11.02 46.77 -27.69
N SER A 151 11.77 47.16 -26.68
CA SER A 151 12.11 46.24 -25.59
C SER A 151 10.87 45.81 -24.85
N PHE A 152 9.96 46.75 -24.63
CA PHE A 152 8.72 46.38 -23.96
C PHE A 152 7.97 45.31 -24.76
N ALA A 153 7.79 45.58 -26.05
CA ALA A 153 7.02 44.65 -26.88
C ALA A 153 7.67 43.26 -26.93
N ASN A 154 8.99 43.23 -27.07
CA ASN A 154 9.69 41.98 -27.15
C ASN A 154 9.60 41.21 -25.84
N ALA A 155 9.71 41.93 -24.72
CA ALA A 155 9.61 41.25 -23.41
C ALA A 155 8.19 40.74 -23.14
N MET A 156 7.19 41.51 -23.57
CA MET A 156 5.81 41.06 -23.43
C MET A 156 5.57 39.76 -24.19
N TYR A 157 6.10 39.70 -25.41
CA TYR A 157 5.99 38.48 -26.23
C TYR A 157 6.79 37.34 -25.59
N ASN A 158 8.02 37.65 -25.22
CA ASN A 158 8.90 36.67 -24.57
C ASN A 158 8.26 36.01 -23.35
N ALA A 159 7.55 36.79 -22.55
CA ALA A 159 6.93 36.24 -21.34
C ALA A 159 5.72 35.37 -21.64
N CYS A 160 5.14 35.53 -22.83
CA CYS A 160 3.89 34.81 -23.20
C CYS A 160 4.05 33.71 -24.25
N ARG A 161 5.19 33.67 -24.93
CA ARG A 161 5.32 32.83 -26.13
C ARG A 161 5.30 31.33 -25.87
N ASP A 162 5.52 30.90 -24.61
CA ASP A 162 5.50 29.47 -24.31
C ASP A 162 4.22 29.04 -23.62
N VAL A 163 3.35 29.98 -23.32
CA VAL A 163 2.12 29.67 -22.60
C VAL A 163 1.27 28.74 -23.45
N GLU A 164 0.82 27.64 -22.85
CA GLU A 164 0.00 26.66 -23.56
C GLU A 164 -1.48 26.87 -23.24
N ALA A 165 -2.30 26.92 -24.29
CA ALA A 165 -3.73 27.11 -24.12
C ALA A 165 -4.31 26.17 -23.07
N PRO A 166 -5.44 26.64 -22.38
CA PRO A 166 -5.94 25.68 -21.37
C PRO A 166 -6.22 24.32 -21.98
N SER A 167 -5.28 23.38 -21.81
CA SER A 167 -5.44 22.04 -22.35
C SER A 167 -5.37 22.04 -23.87
N SER A 168 -4.15 21.99 -24.41
CA SER A 168 -3.95 21.98 -25.84
C SER A 168 -2.47 22.14 -26.19
N ASN A 169 -1.96 21.25 -27.03
CA ASN A 169 -0.57 21.28 -27.45
C ASN A 169 -0.25 22.50 -28.31
N ASP A 170 -1.17 23.46 -28.33
CA ASP A 170 -0.99 24.68 -29.11
C ASP A 170 -0.69 25.87 -28.21
N LYS A 171 0.17 26.76 -28.69
CA LYS A 171 0.54 27.96 -27.94
C LYS A 171 -0.62 28.94 -27.83
N ALA A 172 -0.86 29.42 -26.61
CA ALA A 172 -1.96 30.36 -26.37
C ALA A 172 -1.94 31.53 -27.33
N LEU A 173 -0.75 31.95 -27.75
CA LEU A 173 -0.70 33.08 -28.70
C LEU A 173 -1.41 32.81 -30.02
N GLY A 174 -1.50 31.53 -30.43
CA GLY A 174 -2.26 31.16 -31.64
C GLY A 174 -3.74 31.52 -31.56
N LEU A 175 -4.21 31.87 -30.36
CA LEU A 175 -5.62 32.23 -30.20
C LEU A 175 -5.85 33.70 -29.96
N LEU A 176 -4.76 34.44 -29.74
CA LEU A 176 -4.86 35.87 -29.49
C LEU A 176 -4.15 36.74 -30.55
N CYS A 177 -3.74 36.13 -31.65
CA CYS A 177 -2.84 36.80 -32.59
C CYS A 177 -3.42 36.91 -34.00
N GLY A 178 -4.60 36.30 -34.21
CA GLY A 178 -5.25 36.34 -35.54
C GLY A 178 -4.48 35.55 -36.60
N LYS A 179 -3.62 34.66 -36.15
CA LYS A 179 -2.80 33.83 -37.01
C LYS A 179 -2.28 32.71 -36.13
N ASP A 180 -1.71 31.67 -36.71
CA ASP A 180 -1.14 30.61 -35.91
C ASP A 180 0.10 31.07 -35.12
N ALA A 181 0.42 30.33 -34.07
CA ALA A 181 1.52 30.74 -33.19
C ALA A 181 2.85 30.80 -33.95
N ASP A 182 3.03 29.94 -34.97
CA ASP A 182 4.29 29.96 -35.73
C ASP A 182 4.46 31.20 -36.62
N ALA A 183 3.40 31.98 -36.76
CA ALA A 183 3.43 33.22 -37.53
C ALA A 183 3.36 34.44 -36.62
N CYS A 184 2.96 34.22 -35.37
CA CYS A 184 2.84 35.32 -34.40
C CYS A 184 4.22 35.83 -33.96
N ASN A 185 4.39 37.15 -34.01
CA ASN A 185 5.60 37.80 -33.52
C ASN A 185 5.20 38.89 -32.53
N ALA A 186 6.18 39.50 -31.88
CA ALA A 186 5.87 40.55 -30.90
C ALA A 186 5.05 41.69 -31.44
N THR A 187 5.49 42.24 -32.58
CA THR A 187 4.86 43.46 -33.08
C THR A 187 3.57 43.15 -33.80
N ASN A 188 3.49 42.00 -34.49
CA ASN A 188 2.24 41.69 -35.18
C ASN A 188 1.15 41.24 -34.20
N TRP A 189 1.56 40.77 -33.03
CA TRP A 189 0.61 40.41 -31.98
C TRP A 189 -0.08 41.68 -31.46
N ILE A 190 0.73 42.67 -31.10
CA ILE A 190 0.21 43.94 -30.62
C ILE A 190 -0.61 44.64 -31.73
N GLU A 191 -0.09 44.63 -32.95
CA GLU A 191 -0.81 45.18 -34.09
C GLU A 191 -2.20 44.56 -34.23
N TYR A 192 -2.28 43.24 -34.10
CA TYR A 192 -3.57 42.54 -34.23
C TYR A 192 -4.55 42.90 -33.11
N MET A 193 -4.07 42.87 -31.87
CA MET A 193 -4.92 43.14 -30.73
C MET A 193 -5.51 44.53 -30.82
N PHE A 194 -4.72 45.45 -31.37
CA PHE A 194 -5.13 46.84 -31.43
C PHE A 194 -5.96 47.19 -32.67
N ASN A 195 -6.25 46.21 -33.52
CA ASN A 195 -7.00 46.49 -34.73
C ASN A 195 -8.49 46.21 -34.52
N LYS A 196 -9.33 47.22 -34.74
CA LYS A 196 -10.77 47.08 -34.51
C LYS A 196 -11.38 45.95 -35.34
N ASP A 197 -10.68 45.56 -36.40
CA ASP A 197 -11.17 44.51 -37.28
C ASP A 197 -11.32 43.19 -36.55
N ASN A 198 -10.64 43.07 -35.41
CA ASN A 198 -10.71 41.83 -34.60
C ASN A 198 -12.02 41.63 -33.87
N GLY A 199 -12.86 42.65 -33.87
CA GLY A 199 -14.21 42.54 -33.29
C GLY A 199 -14.24 42.71 -31.78
N GLN A 200 -13.08 42.94 -31.18
CA GLN A 200 -12.93 43.19 -29.74
C GLN A 200 -12.46 44.61 -29.42
N ALA A 201 -11.39 45.02 -30.08
CA ALA A 201 -10.89 46.38 -29.88
C ALA A 201 -11.98 47.36 -30.34
N PRO A 202 -12.34 48.34 -29.51
CA PRO A 202 -13.44 49.23 -29.88
C PRO A 202 -13.08 50.19 -31.01
N PHE A 203 -11.78 50.44 -31.17
CA PHE A 203 -11.29 51.38 -32.19
C PHE A 203 -9.82 51.00 -32.41
N THR A 204 -9.32 51.43 -33.55
CA THR A 204 -7.95 51.02 -33.89
C THR A 204 -6.88 51.91 -33.28
N ILE A 205 -5.84 51.25 -32.77
CA ILE A 205 -4.65 51.92 -32.25
C ILE A 205 -3.53 51.43 -33.14
N THR A 206 -2.79 52.34 -33.76
CA THR A 206 -1.70 51.94 -34.68
C THR A 206 -0.39 52.01 -33.88
N PRO A 207 0.29 50.86 -33.63
CA PRO A 207 1.51 50.89 -32.82
C PRO A 207 2.75 51.25 -33.65
N VAL A 208 3.64 51.98 -33.01
CA VAL A 208 4.97 52.30 -33.56
C VAL A 208 5.96 51.78 -32.53
N PHE A 209 6.93 50.95 -32.92
CA PHE A 209 7.83 50.32 -31.94
C PHE A 209 9.22 50.89 -32.04
N SER A 210 9.71 51.41 -30.92
CA SER A 210 10.99 52.07 -30.87
C SER A 210 11.52 52.13 -29.45
N ASP A 211 12.82 51.86 -29.30
CA ASP A 211 13.47 52.07 -27.99
C ASP A 211 14.03 53.48 -27.90
N PHE A 212 13.81 54.27 -28.95
CA PHE A 212 14.37 55.60 -29.13
C PHE A 212 13.24 56.58 -29.29
N PRO A 213 13.41 57.83 -28.81
CA PRO A 213 12.37 58.84 -29.13
C PRO A 213 12.14 59.00 -30.63
N VAL A 214 10.94 59.41 -30.97
CA VAL A 214 10.55 59.52 -32.37
C VAL A 214 9.89 60.87 -32.51
N HIS A 215 10.59 61.83 -33.14
CA HIS A 215 10.05 63.16 -33.33
C HIS A 215 9.51 63.72 -32.02
N GLY A 216 10.28 63.54 -30.96
CA GLY A 216 9.87 64.08 -29.66
C GLY A 216 8.97 63.20 -28.84
N MET A 217 8.40 62.15 -29.43
CA MET A 217 7.61 61.18 -28.65
C MET A 217 8.53 60.23 -27.89
N GLU A 218 8.19 59.94 -26.64
CA GLU A 218 9.00 59.07 -25.80
C GLU A 218 8.23 57.77 -25.61
N PRO A 219 8.67 56.70 -26.30
CA PRO A 219 7.86 55.47 -26.26
C PRO A 219 7.65 54.92 -24.86
N MET A 220 6.51 54.26 -24.66
CA MET A 220 6.19 53.61 -23.40
C MET A 220 7.13 52.41 -23.23
N ASN A 221 8.01 52.48 -22.24
CA ASN A 221 8.99 51.39 -22.07
C ASN A 221 9.06 50.92 -20.60
N ASN A 222 7.87 50.65 -20.04
CA ASN A 222 7.76 50.24 -18.65
C ASN A 222 8.56 48.97 -18.41
N ALA A 223 9.04 48.81 -17.18
CA ALA A 223 9.63 47.56 -16.74
C ALA A 223 8.67 46.40 -16.93
N THR A 224 9.24 45.25 -17.23
CA THR A 224 8.46 44.02 -17.46
C THR A 224 8.96 42.88 -16.58
N LYS A 225 8.10 41.88 -16.43
CA LYS A 225 8.43 40.66 -15.67
C LYS A 225 8.50 39.47 -16.61
N GLY A 226 9.55 38.66 -16.48
CA GLY A 226 9.61 37.45 -17.31
C GLY A 226 8.74 36.39 -16.70
N CYS A 227 8.46 35.33 -17.47
CA CYS A 227 7.60 34.24 -16.96
C CYS A 227 8.27 33.45 -15.85
N ASP A 228 9.58 33.64 -15.70
CA ASP A 228 10.32 32.99 -14.60
C ASP A 228 10.34 33.81 -13.30
N GLU A 229 9.72 34.99 -13.33
CA GLU A 229 9.68 35.88 -12.17
C GLU A 229 8.30 35.92 -11.54
N SER A 230 8.27 36.16 -10.23
CA SER A 230 7.01 36.42 -9.53
C SER A 230 6.52 37.83 -9.86
N VAL A 231 5.22 38.00 -10.07
CA VAL A 231 4.66 39.34 -10.25
C VAL A 231 4.72 40.11 -8.93
N ASP A 232 4.41 39.43 -7.84
CA ASP A 232 4.47 40.03 -6.51
C ASP A 232 4.62 38.93 -5.46
N GLU A 233 4.52 39.32 -4.19
CA GLU A 233 4.78 38.42 -3.06
C GLU A 233 3.80 37.25 -2.97
N VAL A 234 2.61 37.42 -3.56
CA VAL A 234 1.55 36.41 -3.48
C VAL A 234 1.27 35.74 -4.83
N THR A 235 2.13 36.01 -5.82
CA THR A 235 1.94 35.51 -7.17
C THR A 235 3.22 34.87 -7.70
N ALA A 236 3.23 33.54 -7.76
CA ALA A 236 4.38 32.74 -8.19
C ALA A 236 4.74 32.89 -9.68
N PRO A 237 5.98 32.51 -10.05
CA PRO A 237 6.33 32.42 -11.47
C PRO A 237 5.43 31.44 -12.22
N CYS A 238 5.48 31.47 -13.55
CA CYS A 238 4.71 30.53 -14.37
C CYS A 238 5.31 29.12 -14.32
N SER A 239 4.50 28.15 -14.72
CA SER A 239 4.91 26.74 -14.74
C SER A 239 5.90 26.45 -15.87
N CYS A 240 6.43 25.23 -15.83
CA CYS A 240 7.03 24.60 -17.00
C CYS A 240 6.06 24.40 -18.18
N GLN A 241 4.92 23.72 -17.97
CA GLN A 241 4.05 23.39 -19.10
C GLN A 241 3.67 24.62 -19.92
N ASP A 242 3.51 25.78 -19.26
CA ASP A 242 3.10 27.02 -19.92
C ASP A 242 4.24 28.02 -20.13
N CYS A 243 5.46 27.62 -19.77
CA CYS A 243 6.62 28.50 -19.92
C CYS A 243 7.87 27.71 -20.31
N SER A 244 8.92 28.43 -20.66
CA SER A 244 10.18 27.79 -21.06
C SER A 244 11.31 28.18 -20.12
N ILE A 245 11.46 29.48 -19.88
CA ILE A 245 12.50 29.98 -19.00
C ILE A 245 12.57 29.18 -17.70
N VAL A 246 11.47 29.16 -16.97
CA VAL A 246 11.40 28.42 -15.71
C VAL A 246 11.07 26.95 -15.95
N CYS A 247 12.01 26.23 -16.54
CA CYS A 247 11.83 24.81 -16.83
C CYS A 247 13.10 24.02 -16.52
N GLY A 248 12.97 22.70 -16.47
CA GLY A 248 14.09 21.83 -16.19
C GLY A 248 14.71 22.09 -14.81
N PRO A 249 15.61 21.17 -14.23
CA PRO A 249 15.89 19.97 -15.03
C PRO A 249 15.12 18.76 -14.52
N LYS A 250 15.02 17.72 -15.35
CA LYS A 250 14.29 16.51 -14.99
C LYS A 250 14.94 15.84 -13.78
N PRO A 251 14.82 14.51 -13.72
CA PRO A 251 15.40 13.74 -12.60
C PRO A 251 16.66 13.00 -13.02
N GLN A 252 17.58 12.82 -12.09
CA GLN A 252 18.83 12.14 -12.37
C GLN A 252 19.33 11.39 -11.14
N PRO A 253 18.36 11.12 -10.15
CA PRO A 253 18.90 10.39 -9.00
C PRO A 253 18.57 8.89 -9.07
N PRO A 254 19.13 8.20 -10.15
CA PRO A 254 18.78 6.77 -10.16
C PRO A 254 19.91 5.91 -9.62
N PRO A 255 19.58 5.01 -8.60
CA PRO A 255 20.72 4.21 -8.13
C PRO A 255 20.71 2.81 -8.72
N PRO A 256 21.89 2.30 -9.08
CA PRO A 256 22.00 0.96 -9.67
C PRO A 256 22.87 -0.01 -8.86
N PRO A 257 22.21 -0.94 -8.04
CA PRO A 257 23.12 -1.89 -7.37
C PRO A 257 23.02 -3.29 -7.98
N ALA A 258 23.91 -4.20 -7.59
CA ALA A 258 23.86 -5.58 -8.10
C ALA A 258 25.05 -6.47 -7.70
N PRO A 259 25.04 -6.99 -6.40
CA PRO A 259 26.12 -7.93 -6.12
C PRO A 259 25.60 -9.37 -6.03
N TRP A 260 26.45 -10.33 -5.66
CA TRP A 260 25.97 -11.69 -5.46
C TRP A 260 27.05 -12.72 -5.84
N THR A 261 27.73 -12.45 -6.95
CA THR A 261 28.77 -13.34 -7.44
C THR A 261 29.74 -13.71 -6.31
N ILE A 262 29.98 -12.77 -5.41
CA ILE A 262 30.87 -13.00 -4.28
C ILE A 262 30.50 -14.28 -3.53
N LEU A 263 29.22 -14.42 -3.24
CA LEU A 263 28.72 -15.60 -2.52
C LEU A 263 29.08 -16.88 -3.25
N GLY A 264 28.83 -16.90 -4.56
CA GLY A 264 29.11 -18.06 -5.38
C GLY A 264 30.58 -18.45 -5.30
N LEU A 265 31.45 -17.45 -5.44
CA LEU A 265 32.89 -17.68 -5.39
C LEU A 265 33.30 -18.32 -4.05
N ASP A 266 32.79 -17.78 -2.95
CA ASP A 266 33.10 -18.29 -1.63
C ASP A 266 32.71 -19.77 -1.51
N ALA A 267 31.50 -20.09 -1.96
CA ALA A 267 31.00 -21.48 -1.90
C ALA A 267 31.95 -22.40 -2.66
N MET A 268 32.30 -21.95 -3.84
CA MET A 268 33.21 -22.69 -4.74
C MET A 268 34.54 -22.94 -4.05
N TYR A 269 35.04 -21.88 -3.44
CA TYR A 269 36.32 -21.91 -2.72
C TYR A 269 36.27 -22.96 -1.61
N VAL A 270 35.17 -22.91 -0.87
CA VAL A 270 34.91 -23.82 0.25
C VAL A 270 34.95 -25.27 -0.24
N ILE A 271 34.26 -25.49 -1.34
CA ILE A 271 34.17 -26.80 -1.99
C ILE A 271 35.56 -27.33 -2.34
N MET A 272 36.34 -26.43 -2.93
CA MET A 272 37.71 -26.72 -3.35
C MET A 272 38.55 -27.15 -2.15
N TRP A 273 38.40 -26.39 -1.09
CA TRP A 273 39.11 -26.63 0.17
C TRP A 273 38.78 -28.03 0.70
N ILE A 274 37.49 -28.33 0.69
CA ILE A 274 36.96 -29.61 1.14
C ILE A 274 37.59 -30.75 0.35
N THR A 275 37.62 -30.55 -0.96
CA THR A 275 38.19 -31.53 -1.91
C THR A 275 39.66 -31.80 -1.56
N TYR A 276 40.36 -30.71 -1.33
CA TYR A 276 41.79 -30.74 -0.99
C TYR A 276 42.01 -31.57 0.28
N MET A 277 41.16 -31.28 1.26
CA MET A 277 41.20 -31.96 2.57
C MET A 277 41.01 -33.47 2.37
N ALA A 278 40.03 -33.80 1.56
CA ALA A 278 39.68 -35.19 1.23
C ALA A 278 40.89 -35.90 0.63
N PHE A 279 41.50 -35.21 -0.31
CA PHE A 279 42.69 -35.70 -1.03
C PHE A 279 43.80 -36.02 -0.04
N LEU A 280 44.01 -35.07 0.86
CA LEU A 280 45.04 -35.17 1.91
C LEU A 280 44.79 -36.41 2.76
N LEU A 281 43.55 -36.56 3.15
CA LEU A 281 43.09 -37.70 3.97
C LEU A 281 43.42 -39.01 3.28
N VAL A 282 43.08 -39.05 2.00
CA VAL A 282 43.30 -40.22 1.14
C VAL A 282 44.78 -40.59 1.12
N PHE A 283 45.58 -39.56 0.93
CA PHE A 283 47.05 -39.68 0.89
C PHE A 283 47.57 -40.29 2.18
N PHE A 284 47.09 -39.79 3.30
CA PHE A 284 47.50 -40.29 4.61
C PHE A 284 47.23 -41.79 4.74
N GLY A 285 45.98 -42.18 4.47
CA GLY A 285 45.59 -43.58 4.56
C GLY A 285 46.42 -44.46 3.65
N ALA A 286 47.01 -43.87 2.62
CA ALA A 286 47.83 -44.60 1.66
C ALA A 286 49.27 -44.69 2.14
N PHE A 287 49.72 -43.67 2.87
CA PHE A 287 51.08 -43.63 3.38
C PHE A 287 51.23 -44.48 4.64
N PHE A 288 50.15 -44.58 5.41
CA PHE A 288 50.15 -45.37 6.64
C PHE A 288 50.06 -46.86 6.33
N ALA A 330 25.78 -36.60 34.57
CA ALA A 330 25.48 -38.00 34.23
C ALA A 330 24.87 -38.69 35.45
N PHE A 331 25.52 -38.49 36.58
CA PHE A 331 25.10 -39.07 37.86
C PHE A 331 23.67 -38.64 38.19
N GLU A 332 23.45 -37.35 38.02
CA GLU A 332 22.14 -36.72 38.29
C GLU A 332 21.06 -37.37 37.42
N GLY A 333 21.40 -37.52 36.16
CA GLY A 333 20.52 -38.14 35.16
C GLY A 333 20.13 -39.56 35.60
N CYS A 334 21.15 -40.29 36.01
CA CYS A 334 21.01 -41.67 36.46
C CYS A 334 20.03 -41.74 37.65
N LEU A 335 20.25 -40.82 38.57
CA LEU A 335 19.43 -40.71 39.78
C LEU A 335 17.97 -40.48 39.41
N ARG A 336 17.78 -39.56 38.48
CA ARG A 336 16.46 -39.18 37.97
C ARG A 336 15.75 -40.41 37.39
N ARG A 337 16.51 -41.13 36.59
CA ARG A 337 16.04 -42.36 35.92
C ARG A 337 15.55 -43.36 36.98
N LEU A 338 16.39 -43.53 37.98
CA LEU A 338 16.13 -44.45 39.10
C LEU A 338 14.81 -44.08 39.78
N PHE A 339 14.68 -42.79 40.04
CA PHE A 339 13.48 -42.23 40.68
C PHE A 339 12.23 -42.56 39.87
N THR A 340 12.36 -42.33 38.57
CA THR A 340 11.28 -42.58 37.61
C THR A 340 10.84 -44.05 37.68
N ARG A 341 11.85 -44.91 37.68
CA ARG A 341 11.65 -46.36 37.73
C ARG A 341 10.87 -46.74 39.00
N TRP A 342 11.31 -46.15 40.10
CA TRP A 342 10.70 -46.37 41.42
C TRP A 342 9.22 -45.98 41.38
N GLY A 343 8.97 -44.83 40.80
CA GLY A 343 7.63 -44.26 40.66
C GLY A 343 6.74 -45.23 39.88
N SER A 344 7.30 -45.72 38.79
CA SER A 344 6.62 -46.66 37.89
C SER A 344 6.22 -47.92 38.66
N PHE A 345 7.18 -48.41 39.43
CA PHE A 345 7.02 -49.61 40.25
C PHE A 345 5.84 -49.41 41.23
N CYS A 346 5.81 -48.24 41.85
CA CYS A 346 4.69 -47.83 42.68
C CYS A 346 3.42 -47.74 41.83
N VAL A 347 3.52 -47.00 40.74
CA VAL A 347 2.37 -46.83 39.84
C VAL A 347 1.90 -48.17 39.29
N ARG A 348 2.84 -49.09 39.09
CA ARG A 348 2.52 -50.41 38.57
C ARG A 348 1.70 -51.22 39.58
N ASN A 349 0.93 -50.51 40.40
CA ASN A 349 0.10 -51.16 41.42
C ASN A 349 -1.30 -50.56 41.45
N PRO A 350 -1.68 -49.92 40.35
CA PRO A 350 -3.00 -49.30 40.25
C PRO A 350 -3.16 -48.57 38.91
N GLY A 351 -4.29 -48.79 38.25
CA GLY A 351 -4.57 -48.16 36.96
C GLY A 351 -5.40 -46.89 37.15
N CYS A 352 -6.32 -46.92 38.11
CA CYS A 352 -7.18 -45.78 38.38
C CYS A 352 -6.38 -44.48 38.38
N VAL A 353 -5.47 -44.35 39.35
CA VAL A 353 -4.64 -43.15 39.46
C VAL A 353 -4.32 -42.55 38.10
N ILE A 354 -3.60 -43.30 37.28
CA ILE A 354 -3.21 -42.86 35.94
C ILE A 354 -4.42 -42.30 35.18
N PHE A 355 -5.37 -43.17 34.88
CA PHE A 355 -6.58 -42.76 34.16
C PHE A 355 -7.26 -41.60 34.85
N PHE A 356 -7.33 -41.65 36.19
CA PHE A 356 -7.95 -40.59 36.95
C PHE A 356 -7.27 -39.27 36.60
N SER A 357 -5.94 -39.32 36.43
CA SER A 357 -5.18 -38.13 36.08
C SER A 357 -5.54 -37.72 34.65
N LEU A 358 -5.68 -38.72 33.79
CA LEU A 358 -6.04 -38.46 32.40
C LEU A 358 -7.41 -37.79 32.37
N VAL A 359 -8.31 -38.29 33.22
CA VAL A 359 -9.66 -37.74 33.32
C VAL A 359 -9.60 -36.28 33.72
N PHE A 360 -8.78 -35.99 34.73
CA PHE A 360 -8.61 -34.61 35.19
C PHE A 360 -8.18 -33.75 34.02
N ILE A 361 -7.30 -34.30 33.19
CA ILE A 361 -6.81 -33.58 32.02
C ILE A 361 -7.92 -33.47 30.98
N THR A 362 -8.83 -34.44 30.97
CA THR A 362 -9.95 -34.41 30.04
C THR A 362 -10.74 -33.15 30.35
N ALA A 363 -10.93 -32.89 31.64
CA ALA A 363 -11.64 -31.72 32.10
C ALA A 363 -10.99 -30.35 31.96
N CYS A 364 -9.81 -30.20 32.55
CA CYS A 364 -8.96 -29.02 32.35
C CYS A 364 -8.92 -28.62 30.88
N SER A 365 -8.69 -29.60 30.00
CA SER A 365 -8.65 -29.31 28.59
C SER A 365 -9.99 -28.78 28.11
N SER A 366 -11.01 -29.63 28.17
CA SER A 366 -12.35 -29.24 27.74
C SER A 366 -12.87 -28.07 28.55
N GLY A 367 -12.68 -28.13 29.87
CA GLY A 367 -13.13 -27.08 30.76
C GLY A 367 -12.69 -25.71 30.30
N LEU A 368 -11.38 -25.57 30.06
CA LEU A 368 -10.83 -24.29 29.61
C LEU A 368 -11.32 -23.93 28.22
N VAL A 369 -11.78 -24.93 27.48
CA VAL A 369 -12.29 -24.72 26.13
C VAL A 369 -13.70 -24.14 26.15
N PHE A 370 -14.17 -23.77 27.34
CA PHE A 370 -15.49 -23.19 27.49
C PHE A 370 -15.67 -21.95 26.63
N VAL A 371 -16.68 -21.98 25.76
CA VAL A 371 -16.95 -20.85 24.88
C VAL A 371 -16.00 -20.84 23.68
N ARG A 372 -16.09 -21.88 22.86
CA ARG A 372 -15.25 -22.01 21.68
C ARG A 372 -15.25 -20.72 20.86
N VAL A 373 -15.11 -19.58 21.54
CA VAL A 373 -15.10 -18.29 20.88
C VAL A 373 -13.81 -18.09 20.08
N THR A 374 -13.07 -19.17 19.87
CA THR A 374 -11.82 -19.11 19.14
C THR A 374 -11.97 -18.29 17.86
N THR A 375 -11.84 -16.98 17.98
CA THR A 375 -11.97 -16.08 16.85
C THR A 375 -10.86 -16.32 15.84
N ASN A 376 -11.02 -15.78 14.63
CA ASN A 376 -10.02 -15.94 13.57
C ASN A 376 -10.00 -14.70 12.67
N PRO A 377 -11.05 -13.89 12.74
CA PRO A 377 -11.13 -12.69 11.93
C PRO A 377 -10.79 -11.45 12.74
N VAL A 378 -10.55 -10.31 12.07
CA VAL A 378 -10.60 -10.21 10.62
C VAL A 378 -9.20 -10.10 10.02
N ASP A 379 -8.55 -8.97 10.25
CA ASP A 379 -7.21 -8.74 9.74
C ASP A 379 -6.22 -8.33 10.82
N LEU A 380 -6.22 -9.03 11.95
CA LEU A 380 -5.31 -8.72 13.04
C LEU A 380 -4.25 -9.81 13.23
N TRP A 381 -3.10 -9.64 12.58
CA TRP A 381 -2.00 -10.57 12.77
C TRP A 381 -0.66 -9.84 12.85
N SER A 382 -0.60 -8.65 12.27
CA SER A 382 0.58 -7.80 12.43
C SER A 382 0.86 -7.52 13.91
N ALA A 383 -0.02 -8.01 14.77
CA ALA A 383 0.14 -7.81 16.21
C ALA A 383 -0.16 -6.36 16.61
N PRO A 384 -0.40 -6.14 17.97
CA PRO A 384 -0.67 -4.73 18.29
C PRO A 384 0.54 -4.03 18.86
N SER A 385 0.32 -2.93 19.56
CA SER A 385 1.41 -2.17 20.17
C SER A 385 2.34 -1.61 19.10
N SER A 386 3.61 -1.41 19.45
CA SER A 386 4.60 -0.89 18.52
C SER A 386 4.05 0.32 17.78
N GLN A 387 4.56 0.53 16.56
CA GLN A 387 4.12 1.66 15.74
C GLN A 387 3.06 1.23 14.73
N ALA A 388 3.23 0.04 14.17
CA ALA A 388 2.29 -0.49 13.19
C ALA A 388 0.85 -0.29 13.64
N ARG A 389 0.53 -0.84 14.81
CA ARG A 389 -0.81 -0.73 15.36
C ARG A 389 -1.05 0.65 15.97
N LEU A 390 -0.15 1.07 16.86
CA LEU A 390 -0.27 2.36 17.52
C LEU A 390 -0.50 3.47 16.50
N GLU A 391 0.18 3.37 15.36
CA GLU A 391 0.05 4.37 14.31
C GLU A 391 -1.34 4.35 13.69
N LYS A 392 -1.87 3.16 13.47
CA LYS A 392 -3.20 3.01 12.90
C LYS A 392 -4.27 3.60 13.81
N GLU A 393 -4.14 3.30 15.10
CA GLU A 393 -5.04 3.78 16.15
C GLU A 393 -5.04 5.32 16.17
N TYR A 394 -3.85 5.89 16.13
CA TYR A 394 -3.70 7.35 16.15
C TYR A 394 -4.52 7.99 15.03
N PHE A 395 -4.25 7.59 13.80
CA PHE A 395 -4.96 8.13 12.64
C PHE A 395 -6.47 8.04 12.83
N ASP A 396 -6.90 7.11 13.67
CA ASP A 396 -8.32 6.92 13.94
C ASP A 396 -8.89 8.08 14.77
N GLN A 397 -8.35 8.25 15.97
CA GLN A 397 -8.81 9.31 16.86
C GLN A 397 -8.94 10.64 16.11
N HIS A 398 -8.17 10.79 15.05
CA HIS A 398 -8.19 12.00 14.24
C HIS A 398 -9.27 11.93 13.18
N PHE A 399 -9.58 10.72 12.73
CA PHE A 399 -10.60 10.52 11.70
C PHE A 399 -11.12 9.07 11.72
N GLY A 400 -10.44 8.22 12.47
CA GLY A 400 -10.82 6.82 12.57
C GLY A 400 -10.59 6.06 11.28
N PRO A 401 -11.74 5.55 10.66
CA PRO A 401 -11.45 4.82 9.43
C PRO A 401 -11.72 5.67 8.19
N PHE A 402 -10.65 6.09 7.51
CA PHE A 402 -10.78 6.91 6.30
C PHE A 402 -11.83 6.29 5.39
N PHE A 403 -11.79 4.98 5.29
CA PHE A 403 -12.85 4.27 4.59
C PHE A 403 -12.31 3.23 3.62
N ARG A 404 -13.22 2.49 3.01
CA ARG A 404 -12.86 1.46 2.05
C ARG A 404 -13.50 1.75 0.69
N THR A 405 -12.99 1.08 -0.35
CA THR A 405 -13.50 1.26 -1.70
C THR A 405 -13.91 -0.06 -2.33
N GLU A 406 -15.07 -0.04 -2.98
CA GLU A 406 -15.46 -1.08 -3.92
C GLU A 406 -15.12 -0.56 -5.32
N GLN A 407 -14.29 -1.30 -6.04
CA GLN A 407 -13.70 -0.82 -7.27
C GLN A 407 -13.80 -1.82 -8.43
N LEU A 408 -14.21 -1.33 -9.59
CA LEU A 408 -14.34 -2.12 -10.80
C LEU A 408 -13.43 -1.60 -11.90
N ILE A 409 -12.78 -2.49 -12.64
CA ILE A 409 -12.09 -2.12 -13.87
C ILE A 409 -12.89 -2.65 -15.08
N ILE A 410 -13.12 -1.76 -16.06
CA ILE A 410 -14.02 -2.03 -17.17
C ILE A 410 -13.30 -1.84 -18.48
N ARG A 411 -13.37 -2.84 -19.34
CA ARG A 411 -12.81 -2.76 -20.69
C ARG A 411 -13.87 -3.08 -21.75
N ALA A 412 -13.65 -2.62 -22.97
CA ALA A 412 -14.58 -2.85 -24.07
C ALA A 412 -13.92 -3.68 -25.20
N PRO A 413 -13.87 -5.02 -25.04
CA PRO A 413 -13.08 -5.88 -25.95
C PRO A 413 -13.58 -5.97 -27.40
N LEU A 414 -14.88 -5.71 -27.65
CA LEU A 414 -15.46 -5.77 -28.98
C LEU A 414 -15.60 -4.39 -29.65
N THR A 415 -14.89 -3.38 -29.13
CA THR A 415 -15.01 -2.01 -29.62
C THR A 415 -13.65 -1.54 -30.10
N ASP A 416 -13.63 -0.81 -31.21
CA ASP A 416 -12.41 -0.27 -31.77
C ASP A 416 -12.20 1.14 -31.25
N LYS A 417 -10.97 1.62 -31.37
CA LYS A 417 -10.68 3.03 -31.13
C LYS A 417 -11.37 3.86 -32.21
N HIS A 418 -11.35 5.18 -32.06
CA HIS A 418 -11.89 6.06 -33.08
C HIS A 418 -11.29 7.43 -33.00
N ILE A 419 -11.41 8.19 -34.08
CA ILE A 419 -10.88 9.55 -34.14
C ILE A 419 -11.99 10.59 -34.12
N TYR A 420 -11.64 11.82 -33.78
CA TYR A 420 -12.61 12.91 -33.72
C TYR A 420 -11.92 14.26 -33.60
N GLN A 421 -12.09 15.10 -34.62
CA GLN A 421 -11.49 16.43 -34.63
C GLN A 421 -12.22 17.37 -33.68
N PRO A 422 -11.42 18.02 -32.73
CA PRO A 422 -12.17 18.92 -31.85
C PRO A 422 -12.04 20.38 -32.26
N TYR A 423 -13.17 21.04 -32.48
CA TYR A 423 -13.17 22.45 -32.88
C TYR A 423 -12.44 23.33 -31.84
N PRO A 424 -11.66 24.43 -32.26
CA PRO A 424 -11.58 24.65 -33.72
C PRO A 424 -10.27 24.13 -34.30
N SER A 425 -9.43 23.52 -33.45
CA SER A 425 -8.16 22.98 -33.89
C SER A 425 -8.32 22.08 -35.11
N GLY A 426 -9.00 20.95 -34.92
CA GLY A 426 -9.24 20.00 -35.99
C GLY A 426 -8.16 18.94 -36.07
N ALA A 427 -7.33 18.87 -35.03
CA ALA A 427 -6.25 17.89 -34.98
C ALA A 427 -6.77 16.51 -34.62
N ASP A 428 -6.17 15.48 -35.20
CA ASP A 428 -6.59 14.10 -34.94
C ASP A 428 -6.31 13.68 -33.50
N VAL A 429 -7.37 13.37 -32.77
CA VAL A 429 -7.22 12.87 -31.40
C VAL A 429 -7.76 11.44 -31.31
N PRO A 430 -7.11 10.40 -31.15
CA PRO A 430 -7.73 9.09 -31.06
C PRO A 430 -8.28 8.83 -29.66
N PHE A 431 -9.43 8.17 -29.61
CA PHE A 431 -10.07 7.79 -28.36
C PHE A 431 -10.14 6.29 -28.28
N GLY A 432 -9.73 5.73 -27.14
CA GLY A 432 -9.67 4.28 -26.97
C GLY A 432 -11.04 3.63 -26.89
N PRO A 433 -11.07 2.28 -26.97
CA PRO A 433 -12.34 1.53 -26.98
C PRO A 433 -13.36 1.92 -25.90
N PRO A 434 -12.93 2.04 -24.62
CA PRO A 434 -13.96 2.34 -23.61
C PRO A 434 -14.52 3.77 -23.61
N LEU A 435 -13.97 4.67 -24.44
CA LEU A 435 -14.49 6.02 -24.58
C LEU A 435 -15.35 6.22 -25.82
N ASP A 436 -15.74 5.12 -26.47
CA ASP A 436 -16.80 5.13 -27.47
C ASP A 436 -18.09 5.61 -26.78
N ILE A 437 -18.82 6.50 -27.44
CA ILE A 437 -20.02 7.12 -26.86
C ILE A 437 -21.02 6.10 -26.34
N GLN A 438 -21.23 5.01 -27.09
CA GLN A 438 -22.22 3.99 -26.72
C GLN A 438 -21.79 3.14 -25.54
N ILE A 439 -20.49 2.81 -25.49
CA ILE A 439 -19.97 2.05 -24.34
C ILE A 439 -20.05 2.93 -23.07
N LEU A 440 -19.81 4.24 -23.18
CA LEU A 440 -20.01 5.14 -22.03
C LEU A 440 -21.45 5.16 -21.53
N HIS A 441 -22.42 5.19 -22.45
CA HIS A 441 -23.84 5.09 -22.10
C HIS A 441 -24.12 3.77 -21.37
N GLN A 442 -23.54 2.69 -21.87
CA GLN A 442 -23.70 1.36 -21.26
C GLN A 442 -23.03 1.26 -19.89
N VAL A 443 -21.86 1.87 -19.76
CA VAL A 443 -21.17 1.94 -18.47
C VAL A 443 -21.98 2.81 -17.48
N LEU A 444 -22.61 3.87 -17.98
CA LEU A 444 -23.47 4.69 -17.11
C LEU A 444 -24.66 3.90 -16.57
N ASP A 445 -25.23 3.01 -17.39
CA ASP A 445 -26.37 2.19 -16.97
C ASP A 445 -25.96 1.19 -15.88
N LEU A 446 -24.79 0.58 -16.07
CA LEU A 446 -24.14 -0.23 -15.02
C LEU A 446 -24.02 0.55 -13.72
N GLN A 447 -23.50 1.77 -13.84
CA GLN A 447 -23.25 2.64 -12.68
C GLN A 447 -24.54 3.00 -11.93
N ILE A 448 -25.56 3.40 -12.70
CA ILE A 448 -26.88 3.73 -12.15
C ILE A 448 -27.49 2.51 -11.47
N ALA A 449 -27.31 1.33 -12.06
CA ALA A 449 -27.86 0.09 -11.52
C ALA A 449 -27.20 -0.25 -10.18
N ILE A 450 -25.88 -0.07 -10.10
CA ILE A 450 -25.12 -0.23 -8.86
C ILE A 450 -25.64 0.69 -7.74
N GLU A 451 -25.87 1.98 -8.06
CA GLU A 451 -26.45 2.93 -7.10
C GLU A 451 -27.80 2.48 -6.55
N ASN A 452 -28.56 1.77 -7.37
CA ASN A 452 -29.90 1.29 -7.02
C ASN A 452 -29.93 -0.08 -6.32
N ILE A 453 -28.79 -0.76 -6.19
CA ILE A 453 -28.73 -2.05 -5.50
C ILE A 453 -29.14 -1.89 -4.04
N THR A 454 -29.98 -2.82 -3.58
CA THR A 454 -30.39 -2.88 -2.19
C THR A 454 -30.15 -4.29 -1.65
N ALA A 455 -29.84 -4.37 -0.36
CA ALA A 455 -29.73 -5.62 0.37
C ALA A 455 -30.64 -5.54 1.60
N SER A 456 -31.01 -6.67 2.16
CA SER A 456 -31.79 -6.69 3.41
C SER A 456 -30.98 -7.30 4.54
N TYR A 457 -31.09 -6.71 5.72
CA TYR A 457 -30.43 -7.20 6.92
C TYR A 457 -31.39 -7.06 8.09
N ASP A 458 -31.67 -8.17 8.77
CA ASP A 458 -32.88 -8.32 9.59
C ASP A 458 -34.10 -7.99 8.70
N ASN A 459 -34.95 -7.08 9.14
CA ASN A 459 -36.10 -6.65 8.35
C ASN A 459 -35.87 -5.32 7.63
N GLU A 460 -34.71 -4.71 7.88
CA GLU A 460 -34.35 -3.43 7.26
C GLU A 460 -33.74 -3.57 5.86
N THR A 461 -33.84 -2.50 5.08
CA THR A 461 -33.24 -2.42 3.73
C THR A 461 -31.99 -1.55 3.77
N VAL A 462 -30.94 -2.01 3.10
CA VAL A 462 -29.65 -1.31 3.03
C VAL A 462 -29.41 -0.82 1.61
N THR A 463 -29.28 0.50 1.46
CA THR A 463 -28.92 1.12 0.19
C THR A 463 -27.46 1.57 0.22
N LEU A 464 -26.90 1.86 -0.95
CA LEU A 464 -25.58 2.50 -1.04
C LEU A 464 -25.57 3.87 -0.33
N GLN A 465 -26.70 4.58 -0.36
CA GLN A 465 -26.80 5.91 0.24
C GLN A 465 -26.67 5.88 1.76
N ASP A 466 -27.02 4.75 2.38
CA ASP A 466 -26.83 4.55 3.82
C ASP A 466 -25.36 4.39 4.24
N ILE A 467 -24.52 3.86 3.35
CA ILE A 467 -23.15 3.50 3.71
C ILE A 467 -22.05 4.31 3.01
N CYS A 468 -22.41 5.16 2.04
CA CYS A 468 -21.43 5.81 1.18
C CYS A 468 -20.86 7.10 1.79
N LEU A 469 -19.73 7.41 1.23
CA LEU A 469 -19.17 8.72 1.47
C LEU A 469 -19.96 9.73 0.64
N ALA A 470 -20.64 10.40 1.38
CA ALA A 470 -21.36 11.49 0.77
C ALA A 470 -20.81 12.78 1.38
N PRO A 471 -19.72 13.30 0.81
CA PRO A 471 -18.91 14.40 1.36
C PRO A 471 -19.70 15.67 1.65
N LEU A 472 -20.77 15.92 0.91
CA LEU A 472 -21.51 17.16 1.07
C LEU A 472 -22.88 16.96 1.72
N SER A 473 -22.99 15.97 2.60
CA SER A 473 -24.25 15.75 3.33
C SER A 473 -24.47 16.82 4.38
N PRO A 474 -25.74 17.14 4.68
CA PRO A 474 -26.98 16.64 4.08
C PRO A 474 -27.35 17.44 2.83
N TYR A 475 -27.01 18.72 2.82
CA TYR A 475 -27.31 19.59 1.68
C TYR A 475 -27.14 18.83 0.36
N ASN A 476 -26.39 17.74 0.40
CA ASN A 476 -26.15 16.93 -0.79
C ASN A 476 -25.87 15.47 -0.45
N THR A 477 -26.90 14.64 -0.55
CA THR A 477 -26.76 13.21 -0.25
C THR A 477 -26.04 12.49 -1.37
N ASN A 478 -25.78 13.19 -2.47
CA ASN A 478 -25.09 12.62 -3.61
C ASN A 478 -23.88 11.78 -3.20
N CYS A 479 -23.91 10.49 -3.54
CA CYS A 479 -22.82 9.58 -3.20
C CYS A 479 -21.55 9.92 -3.98
N THR A 480 -20.43 9.37 -3.54
CA THR A 480 -19.16 9.62 -4.21
C THR A 480 -18.80 8.47 -5.14
N ILE A 481 -18.79 8.77 -6.44
CA ILE A 481 -18.47 7.77 -7.45
C ILE A 481 -17.37 8.36 -8.31
N LEU A 482 -16.17 7.82 -8.20
CA LEU A 482 -15.07 8.28 -9.06
C LEU A 482 -15.20 7.54 -10.38
N SER A 483 -15.55 8.27 -11.42
CA SER A 483 -15.83 7.70 -12.72
C SER A 483 -15.74 8.81 -13.77
N VAL A 484 -15.31 8.46 -15.00
CA VAL A 484 -15.36 9.43 -16.12
C VAL A 484 -16.77 9.91 -16.41
N LEU A 485 -17.79 9.12 -16.04
CA LEU A 485 -19.16 9.57 -16.25
C LEU A 485 -19.55 10.76 -15.37
N ASN A 486 -18.84 10.98 -14.27
CA ASN A 486 -19.10 12.12 -13.43
C ASN A 486 -18.66 13.44 -14.04
N TYR A 487 -17.79 13.40 -15.05
CA TYR A 487 -17.52 14.58 -15.88
C TYR A 487 -18.78 15.04 -16.62
N PHE A 488 -19.72 14.13 -16.83
CA PHE A 488 -21.04 14.44 -17.42
C PHE A 488 -22.17 14.36 -16.39
N GLN A 489 -21.82 14.48 -15.11
CA GLN A 489 -22.74 14.43 -13.99
C GLN A 489 -23.64 13.19 -14.01
N ASN A 490 -23.07 12.06 -14.43
CA ASN A 490 -23.76 10.78 -14.51
C ASN A 490 -25.12 10.87 -15.25
N SER A 491 -25.16 11.65 -16.32
CA SER A 491 -26.39 11.91 -17.08
C SER A 491 -26.23 11.50 -18.54
N HIS A 492 -27.13 10.65 -19.02
CA HIS A 492 -27.08 10.18 -20.39
C HIS A 492 -27.36 11.31 -21.37
N SER A 493 -28.38 12.12 -21.06
CA SER A 493 -28.76 13.24 -21.91
C SER A 493 -27.62 14.26 -22.02
N VAL A 494 -27.08 14.65 -20.87
CA VAL A 494 -25.99 15.61 -20.84
C VAL A 494 -24.82 15.16 -21.71
N LEU A 495 -24.53 13.86 -21.66
CA LEU A 495 -23.44 13.29 -22.45
C LEU A 495 -23.84 13.17 -23.92
N ASP A 496 -25.12 12.92 -24.16
CA ASP A 496 -25.62 12.78 -25.53
C ASP A 496 -25.65 14.12 -26.25
N HIS A 497 -25.68 15.20 -25.48
CA HIS A 497 -25.71 16.54 -26.04
C HIS A 497 -24.61 16.73 -27.09
N LYS A 498 -24.73 17.77 -27.89
CA LYS A 498 -23.74 18.06 -28.93
C LYS A 498 -24.14 19.29 -29.75
N LYS A 499 -23.55 20.43 -29.42
CA LYS A 499 -23.84 21.67 -30.12
C LYS A 499 -23.14 21.71 -31.49
N GLY A 500 -23.92 21.50 -32.55
CA GLY A 500 -23.38 21.51 -33.89
C GLY A 500 -24.40 21.97 -34.92
N ASP A 501 -23.95 22.12 -36.16
CA ASP A 501 -24.83 22.56 -37.24
C ASP A 501 -24.52 21.79 -38.53
N ASP A 502 -24.84 22.36 -39.68
CA ASP A 502 -24.62 21.67 -40.97
C ASP A 502 -23.14 21.57 -41.32
N PHE A 503 -22.29 22.24 -40.55
CA PHE A 503 -20.88 22.39 -40.90
C PHE A 503 -19.95 21.81 -39.87
N PHE A 504 -20.09 22.21 -38.61
CA PHE A 504 -19.24 21.68 -37.56
C PHE A 504 -20.04 21.09 -36.39
N VAL A 505 -19.38 20.18 -35.67
CA VAL A 505 -19.75 19.86 -34.31
C VAL A 505 -18.81 20.67 -33.42
N TYR A 506 -19.36 21.65 -32.72
CA TYR A 506 -18.54 22.61 -31.98
C TYR A 506 -18.15 22.09 -30.61
N ALA A 507 -18.96 21.18 -30.09
CA ALA A 507 -18.82 20.68 -28.71
C ALA A 507 -19.60 19.39 -28.56
N ASP A 508 -19.01 18.41 -27.87
CA ASP A 508 -19.66 17.13 -27.65
C ASP A 508 -19.09 16.43 -26.42
N TYR A 509 -19.14 15.10 -26.42
CA TYR A 509 -18.63 14.32 -25.31
C TYR A 509 -17.12 14.21 -25.35
N HIS A 510 -16.52 14.73 -26.42
CA HIS A 510 -15.07 14.69 -26.59
C HIS A 510 -14.42 15.96 -26.04
N THR A 511 -14.88 17.11 -26.50
CA THR A 511 -14.35 18.39 -26.05
C THR A 511 -14.37 18.49 -24.53
N HIS A 512 -15.53 18.24 -23.94
CA HIS A 512 -15.68 18.30 -22.49
C HIS A 512 -14.68 17.39 -21.79
N PHE A 513 -14.51 16.19 -22.33
CA PHE A 513 -13.57 15.21 -21.77
C PHE A 513 -12.16 15.78 -21.75
N LEU A 514 -11.69 16.26 -22.89
CA LEU A 514 -10.33 16.83 -23.01
C LEU A 514 -10.13 18.08 -22.16
N TYR A 515 -11.21 18.84 -21.93
CA TYR A 515 -11.15 19.95 -20.98
C TYR A 515 -11.16 19.42 -19.53
N CYS A 516 -12.12 18.55 -19.21
CA CYS A 516 -12.31 18.09 -17.84
C CYS A 516 -11.11 17.33 -17.22
N VAL A 517 -10.37 16.57 -18.03
CA VAL A 517 -9.14 15.93 -17.56
C VAL A 517 -8.04 16.93 -17.14
N ARG A 518 -8.16 18.16 -17.63
CA ARG A 518 -7.23 19.23 -17.25
C ARG A 518 -7.79 20.14 -16.15
N ALA A 519 -9.11 20.19 -16.02
CA ALA A 519 -9.76 21.04 -15.03
C ALA A 519 -10.99 20.37 -14.39
N PRO A 520 -10.77 19.27 -13.66
CA PRO A 520 -11.92 18.49 -13.16
C PRO A 520 -12.77 19.14 -12.07
N ALA A 521 -12.31 20.23 -11.47
CA ALA A 521 -13.13 21.00 -10.51
C ALA A 521 -13.98 22.09 -11.16
N SER A 522 -13.76 22.37 -12.45
CA SER A 522 -14.45 23.44 -13.16
C SER A 522 -15.95 23.27 -13.09
N LEU A 523 -16.66 24.38 -12.91
CA LEU A 523 -18.11 24.37 -12.94
C LEU A 523 -18.60 24.97 -14.26
N ASN A 524 -17.72 25.03 -15.25
CA ASN A 524 -18.07 25.61 -16.54
C ASN A 524 -16.98 25.34 -17.57
N ASP A 525 -17.26 24.42 -18.48
CA ASP A 525 -16.49 24.18 -19.68
C ASP A 525 -16.28 25.52 -20.43
N THR A 526 -15.08 25.75 -20.95
CA THR A 526 -14.80 27.00 -21.68
C THR A 526 -15.34 26.92 -23.11
N SER A 527 -15.59 25.70 -23.61
CA SER A 527 -16.21 25.50 -24.92
C SER A 527 -17.66 26.00 -24.96
N LEU A 528 -18.33 25.76 -26.09
CA LEU A 528 -19.70 26.22 -26.30
C LEU A 528 -20.75 25.43 -25.49
N LEU A 529 -20.35 24.28 -24.93
CA LEU A 529 -21.24 23.46 -24.12
C LEU A 529 -21.55 24.13 -22.78
N HIS A 530 -20.52 24.71 -22.16
CA HIS A 530 -20.61 25.33 -20.84
C HIS A 530 -21.17 24.39 -19.77
N ASP A 531 -20.78 23.11 -19.85
CA ASP A 531 -21.18 22.11 -18.89
C ASP A 531 -20.14 22.07 -17.76
N PRO A 532 -20.57 21.67 -16.54
CA PRO A 532 -19.59 21.52 -15.49
C PRO A 532 -18.77 20.23 -15.63
N CYS A 533 -17.57 20.23 -15.05
CA CYS A 533 -16.76 19.01 -14.91
C CYS A 533 -16.96 18.30 -13.57
N LEU A 534 -17.34 19.07 -12.55
CA LEU A 534 -17.46 18.57 -11.17
C LEU A 534 -18.45 17.43 -11.07
N GLY A 535 -18.09 16.37 -10.35
CA GLY A 535 -18.96 15.23 -10.16
C GLY A 535 -20.14 15.58 -9.30
N THR A 536 -21.18 14.77 -9.34
CA THR A 536 -22.43 15.09 -8.65
C THR A 536 -22.28 15.04 -7.13
N PHE A 537 -21.21 14.41 -6.65
CA PHE A 537 -20.88 14.37 -5.22
C PHE A 537 -20.22 15.64 -4.68
N GLY A 538 -19.93 16.62 -5.55
CA GLY A 538 -19.47 17.94 -5.13
C GLY A 538 -17.96 18.15 -5.16
N GLY A 539 -17.23 17.20 -5.75
CA GLY A 539 -15.78 17.32 -5.85
C GLY A 539 -15.26 16.87 -7.21
N PRO A 540 -14.01 17.24 -7.51
CA PRO A 540 -13.42 16.85 -8.79
C PRO A 540 -13.08 15.37 -8.85
N VAL A 541 -13.13 14.81 -10.04
CA VAL A 541 -12.71 13.43 -10.31
C VAL A 541 -11.40 13.51 -11.09
N PHE A 542 -10.31 13.11 -10.47
CA PHE A 542 -9.01 13.22 -11.12
C PHE A 542 -8.83 12.13 -12.17
N PRO A 543 -8.39 12.48 -13.38
CA PRO A 543 -8.40 11.54 -14.52
C PRO A 543 -7.57 10.25 -14.31
N TRP A 544 -6.44 10.34 -13.63
CA TRP A 544 -5.63 9.18 -13.32
C TRP A 544 -6.40 8.11 -12.54
N LEU A 545 -7.34 8.54 -11.70
CA LEU A 545 -8.08 7.64 -10.83
C LEU A 545 -9.32 7.00 -11.47
N VAL A 546 -9.59 7.32 -12.74
CA VAL A 546 -10.74 6.75 -13.43
C VAL A 546 -10.43 6.16 -14.83
N LEU A 547 -9.16 6.10 -15.20
CA LEU A 547 -8.75 5.59 -16.50
C LEU A 547 -7.50 4.75 -16.35
N GLY A 548 -7.35 3.74 -17.20
CA GLY A 548 -6.17 2.88 -17.21
C GLY A 548 -5.68 2.60 -18.63
N GLY A 549 -4.40 2.27 -18.73
CA GLY A 549 -3.79 1.82 -19.97
C GLY A 549 -3.54 2.87 -21.03
N TYR A 550 -3.25 4.08 -20.58
CA TYR A 550 -2.95 5.21 -21.47
C TYR A 550 -1.49 5.53 -21.29
N ASP A 551 -0.94 6.25 -22.26
CA ASP A 551 0.48 6.65 -22.27
C ASP A 551 0.61 8.11 -21.82
N ASP A 552 1.69 8.40 -21.09
CA ASP A 552 1.94 9.73 -20.51
C ASP A 552 0.65 10.29 -19.86
N GLN A 553 0.19 11.48 -20.27
CA GLN A 553 -1.09 12.03 -19.80
C GLN A 553 -2.09 12.16 -20.96
N ASN A 554 -2.00 11.26 -21.91
CA ASN A 554 -2.91 11.22 -23.04
C ASN A 554 -4.11 10.37 -22.66
N TYR A 555 -4.97 10.93 -21.83
CA TYR A 555 -6.08 10.20 -21.21
C TYR A 555 -7.06 9.66 -22.26
N ASN A 556 -7.17 10.38 -23.37
CA ASN A 556 -7.91 9.94 -24.53
C ASN A 556 -7.54 8.53 -25.04
N ASN A 557 -6.30 8.09 -24.85
CA ASN A 557 -5.86 6.76 -25.29
C ASN A 557 -6.08 5.65 -24.27
N ALA A 558 -6.97 5.87 -23.30
CA ALA A 558 -7.24 4.89 -22.27
C ALA A 558 -7.86 3.63 -22.85
N THR A 559 -7.40 2.47 -22.36
CA THR A 559 -7.99 1.17 -22.72
C THR A 559 -8.81 0.56 -21.59
N ALA A 560 -9.00 1.29 -20.48
CA ALA A 560 -9.80 0.81 -19.36
C ALA A 560 -10.39 1.96 -18.56
N LEU A 561 -11.59 1.75 -18.06
CA LEU A 561 -12.22 2.66 -17.13
C LEU A 561 -12.14 2.04 -15.74
N VAL A 562 -11.99 2.88 -14.74
CA VAL A 562 -11.97 2.46 -13.35
C VAL A 562 -13.10 3.20 -12.64
N ILE A 563 -13.94 2.45 -11.93
CA ILE A 563 -15.08 3.01 -11.19
C ILE A 563 -14.89 2.70 -9.71
N THR A 564 -14.98 3.71 -8.85
CA THR A 564 -14.69 3.55 -7.43
C THR A 564 -15.76 4.17 -6.54
N PHE A 565 -16.30 3.38 -5.62
CA PHE A 565 -17.30 3.80 -4.64
C PHE A 565 -16.68 3.70 -3.26
N PRO A 566 -16.41 4.83 -2.58
CA PRO A 566 -16.04 4.72 -1.18
C PRO A 566 -17.24 4.38 -0.31
N VAL A 567 -17.07 3.41 0.60
CA VAL A 567 -18.10 3.05 1.59
C VAL A 567 -17.48 2.97 2.98
N ASN A 568 -18.29 3.27 4.01
CA ASN A 568 -17.84 3.28 5.40
C ASN A 568 -17.27 1.93 5.79
N ASN A 569 -16.09 1.93 6.40
CA ASN A 569 -15.57 0.69 6.98
C ASN A 569 -16.23 0.37 8.33
N TYR A 570 -16.77 1.38 9.03
CA TYR A 570 -17.50 1.18 10.30
C TYR A 570 -16.70 0.36 11.35
N TYR A 571 -15.38 0.59 11.42
CA TYR A 571 -14.51 -0.10 12.38
C TYR A 571 -14.97 -0.11 13.84
N ASN A 572 -15.73 0.91 14.23
CA ASN A 572 -16.20 1.02 15.61
C ASN A 572 -17.68 0.67 15.77
N ASP A 573 -18.40 0.58 14.65
CA ASP A 573 -19.83 0.25 14.71
C ASP A 573 -20.09 -1.10 14.07
N THR A 574 -20.36 -2.08 14.92
CA THR A 574 -20.57 -3.46 14.50
C THR A 574 -21.88 -3.66 13.75
N GLU A 575 -22.96 -3.06 14.24
CA GLU A 575 -24.29 -3.23 13.62
C GLU A 575 -24.40 -2.57 12.25
N LYS A 576 -23.74 -1.42 12.07
CA LYS A 576 -23.72 -0.72 10.78
C LYS A 576 -22.75 -1.38 9.79
N LEU A 577 -21.68 -1.99 10.29
CA LEU A 577 -20.73 -2.70 9.41
C LEU A 577 -21.36 -3.93 8.78
N GLN A 578 -22.12 -4.67 9.58
CA GLN A 578 -22.86 -5.83 9.09
C GLN A 578 -23.82 -5.46 7.96
N ARG A 579 -24.50 -4.32 8.10
CA ARG A 579 -25.37 -3.80 7.04
C ARG A 579 -24.57 -3.49 5.76
N ALA A 580 -23.42 -2.85 5.92
CA ALA A 580 -22.55 -2.53 4.78
C ALA A 580 -22.03 -3.78 4.08
N GLN A 581 -21.68 -4.79 4.88
CA GLN A 581 -21.24 -6.08 4.35
C GLN A 581 -22.34 -6.84 3.64
N ALA A 582 -23.58 -6.68 4.10
CA ALA A 582 -24.75 -7.23 3.41
C ALA A 582 -24.89 -6.60 2.04
N TRP A 583 -24.73 -5.28 1.96
CA TRP A 583 -24.75 -4.55 0.70
C TRP A 583 -23.64 -5.02 -0.23
N GLU A 584 -22.43 -5.16 0.31
CA GLU A 584 -21.29 -5.62 -0.47
C GLU A 584 -21.58 -6.96 -1.13
N LYS A 585 -22.17 -7.88 -0.38
CA LYS A 585 -22.49 -9.20 -0.91
C LYS A 585 -23.43 -9.10 -2.11
N GLU A 586 -24.43 -8.24 -2.02
CA GLU A 586 -25.31 -7.98 -3.17
C GLU A 586 -24.57 -7.34 -4.35
N PHE A 587 -23.67 -6.41 -4.05
CA PHE A 587 -22.82 -5.76 -5.06
C PHE A 587 -21.97 -6.79 -5.82
N ILE A 588 -21.35 -7.70 -5.09
CA ILE A 588 -20.54 -8.75 -5.70
C ILE A 588 -21.40 -9.63 -6.61
N ASN A 589 -22.59 -9.99 -6.13
CA ASN A 589 -23.55 -10.77 -6.92
C ASN A 589 -24.01 -10.08 -8.16
N PHE A 590 -24.34 -8.80 -8.03
CA PHE A 590 -24.78 -8.01 -9.15
C PHE A 590 -23.71 -7.99 -10.25
N VAL A 591 -22.46 -7.73 -9.87
CA VAL A 591 -21.36 -7.64 -10.83
C VAL A 591 -21.09 -8.99 -11.48
N LYS A 592 -21.09 -10.05 -10.68
CA LYS A 592 -20.84 -11.39 -11.19
C LYS A 592 -21.86 -11.81 -12.25
N ASN A 593 -23.12 -11.49 -12.02
CA ASN A 593 -24.20 -11.88 -12.92
C ASN A 593 -24.54 -10.84 -14.00
N TYR A 594 -23.83 -9.71 -14.05
CA TYR A 594 -24.17 -8.66 -15.02
C TYR A 594 -23.81 -9.13 -16.42
N LYS A 595 -24.78 -9.06 -17.33
CA LYS A 595 -24.62 -9.56 -18.70
C LYS A 595 -24.50 -8.37 -19.65
N ASN A 596 -23.33 -8.25 -20.27
CA ASN A 596 -23.15 -7.36 -21.40
C ASN A 596 -21.93 -7.84 -22.18
N PRO A 597 -22.14 -8.37 -23.39
CA PRO A 597 -21.01 -8.80 -24.22
C PRO A 597 -20.00 -7.69 -24.54
N ASN A 598 -20.46 -6.43 -24.56
CA ASN A 598 -19.60 -5.29 -24.87
C ASN A 598 -18.61 -4.89 -23.77
N LEU A 599 -18.80 -5.36 -22.54
CA LEU A 599 -17.96 -4.96 -21.41
C LEU A 599 -17.39 -6.18 -20.72
N THR A 600 -16.10 -6.13 -20.37
CA THR A 600 -15.57 -7.06 -19.37
C THR A 600 -15.38 -6.26 -18.07
N ILE A 601 -16.10 -6.68 -17.03
CA ILE A 601 -16.09 -6.03 -15.72
C ILE A 601 -15.32 -6.91 -14.73
N SER A 602 -14.38 -6.35 -13.91
CA SER A 602 -13.56 -7.11 -12.87
C SER A 602 -13.32 -6.43 -11.45
N PHE A 603 -12.96 -7.09 -10.35
CA PHE A 603 -13.44 -6.81 -8.98
C PHE A 603 -12.58 -6.07 -7.92
N THR A 604 -13.23 -5.14 -7.20
CA THR A 604 -12.98 -4.85 -5.80
C THR A 604 -14.24 -5.00 -4.97
N ALA A 605 -14.09 -5.34 -3.70
CA ALA A 605 -15.25 -5.48 -2.82
C ALA A 605 -14.82 -5.60 -1.35
N GLU A 606 -14.77 -6.83 -0.87
CA GLU A 606 -14.38 -7.09 0.52
C GLU A 606 -14.39 -8.59 0.82
N ARG A 607 -15.46 -9.26 0.42
CA ARG A 607 -15.61 -10.70 0.64
C ARG A 607 -14.65 -11.49 -0.25
N SER A 608 -14.45 -11.00 -1.46
CA SER A 608 -13.55 -11.66 -2.42
C SER A 608 -12.25 -12.07 -1.75
N ILE A 609 -11.76 -11.23 -0.85
CA ILE A 609 -10.52 -11.51 -0.14
C ILE A 609 -10.79 -12.23 1.18
N GLU A 610 -11.97 -11.97 1.75
CA GLU A 610 -12.36 -12.59 3.01
C GLU A 610 -13.25 -13.81 2.77
N ASP A 611 -13.99 -13.79 1.68
CA ASP A 611 -14.87 -14.89 1.33
C ASP A 611 -14.12 -16.01 0.61
N GLU A 612 -13.12 -15.62 -0.17
CA GLU A 612 -12.31 -16.59 -0.92
C GLU A 612 -11.52 -17.48 0.02
N LEU A 613 -10.87 -16.86 1.01
CA LEU A 613 -10.06 -17.60 1.98
C LEU A 613 -10.94 -18.52 2.82
N ASN A 614 -12.14 -18.06 3.16
CA ASN A 614 -13.06 -18.84 3.97
C ASN A 614 -13.91 -19.76 3.09
N ARG A 615 -13.89 -19.52 1.80
CA ARG A 615 -14.66 -20.33 0.85
C ARG A 615 -13.78 -21.37 0.17
N GLU A 616 -12.53 -21.01 -0.08
CA GLU A 616 -11.58 -21.92 -0.72
C GLU A 616 -10.95 -22.87 0.29
N SER A 617 -10.35 -22.30 1.33
CA SER A 617 -9.70 -23.09 2.37
C SER A 617 -10.70 -24.02 3.06
N ASP A 618 -11.04 -25.12 2.38
CA ASP A 618 -11.97 -26.10 2.93
C ASP A 618 -11.77 -27.46 2.30
N SER A 619 -11.92 -27.53 0.98
CA SER A 619 -11.76 -28.79 0.25
C SER A 619 -10.46 -29.49 0.63
N ASP A 620 -9.37 -28.73 0.57
CA ASP A 620 -8.05 -29.28 0.90
C ASP A 620 -8.07 -29.99 2.25
N VAL A 621 -8.98 -29.56 3.11
CA VAL A 621 -9.11 -30.16 4.45
C VAL A 621 -9.28 -31.67 4.35
N PHE A 622 -10.13 -32.11 3.43
CA PHE A 622 -10.38 -33.53 3.23
C PHE A 622 -9.09 -34.25 2.88
N THR A 623 -8.17 -33.53 2.23
CA THR A 623 -6.88 -34.12 1.86
C THR A 623 -6.04 -34.43 3.09
N VAL A 624 -5.65 -33.39 3.81
CA VAL A 624 -4.86 -33.56 5.03
C VAL A 624 -5.56 -34.51 6.00
N VAL A 625 -6.85 -34.26 6.24
CA VAL A 625 -7.63 -35.09 7.13
C VAL A 625 -7.39 -36.56 6.77
N ILE A 626 -7.65 -36.90 5.52
CA ILE A 626 -7.47 -38.27 5.05
C ILE A 626 -6.06 -38.75 5.39
N SER A 627 -5.07 -38.00 4.92
CA SER A 627 -3.67 -38.35 5.16
C SER A 627 -3.39 -38.60 6.64
N TYR A 628 -4.00 -37.77 7.50
CA TYR A 628 -3.83 -37.90 8.93
C TYR A 628 -4.34 -39.25 9.43
N ALA A 629 -5.45 -39.70 8.85
CA ALA A 629 -6.04 -40.98 9.23
C ALA A 629 -5.14 -42.14 8.78
N ILE A 630 -4.79 -42.15 7.50
CA ILE A 630 -3.95 -43.21 6.94
C ILE A 630 -2.62 -43.31 7.68
N MET A 631 -2.13 -42.19 8.20
CA MET A 631 -0.86 -42.17 8.92
C MET A 631 -1.00 -42.73 10.33
N PHE A 632 -1.97 -42.21 11.07
CA PHE A 632 -2.22 -42.68 12.43
C PHE A 632 -2.54 -44.17 12.42
N LEU A 633 -3.04 -44.65 11.29
CA LEU A 633 -3.36 -46.06 11.11
C LEU A 633 -2.08 -46.88 11.15
N TYR A 634 -1.08 -46.47 10.38
CA TYR A 634 0.19 -47.18 10.33
C TYR A 634 0.83 -47.13 11.71
N ILE A 635 0.99 -45.93 12.25
CA ILE A 635 1.58 -45.75 13.57
C ILE A 635 0.83 -46.58 14.61
N SER A 636 -0.38 -46.99 14.25
CA SER A 636 -1.20 -47.79 15.15
C SER A 636 -0.81 -49.24 14.97
N LEU A 637 -0.72 -49.68 13.72
CA LEU A 637 -0.36 -51.06 13.41
C LEU A 637 1.05 -51.38 13.88
N ALA A 638 1.97 -50.45 13.64
CA ALA A 638 3.37 -50.63 14.01
C ALA A 638 3.51 -51.44 15.30
N LEU A 639 3.63 -50.74 16.42
CA LEU A 639 3.85 -51.38 17.71
C LEU A 639 2.66 -52.27 18.13
N GLY A 640 1.91 -51.83 19.14
CA GLY A 640 0.79 -52.60 19.66
C GLY A 640 -0.06 -53.20 18.55
N HIS A 641 0.00 -52.61 17.37
CA HIS A 641 -0.80 -53.08 16.25
C HIS A 641 -2.25 -53.25 16.70
N MET A 642 -2.54 -54.39 17.30
CA MET A 642 -3.89 -54.69 17.78
C MET A 642 -4.53 -53.44 18.39
N LYS A 643 -5.43 -53.65 19.34
CA LYS A 643 -6.12 -52.56 20.02
C LYS A 643 -5.46 -52.22 21.35
N SER A 644 -4.12 -52.17 21.36
CA SER A 644 -3.38 -51.87 22.56
C SER A 644 -2.68 -50.51 22.45
N CYS A 645 -2.01 -50.29 21.33
CA CYS A 645 -1.29 -49.04 21.10
C CYS A 645 -2.24 -47.97 20.54
N ARG A 646 -3.14 -48.37 19.66
CA ARG A 646 -4.10 -47.46 19.06
C ARG A 646 -4.70 -46.53 20.11
N ARG A 647 -5.34 -47.12 21.12
CA ARG A 647 -5.97 -46.35 22.18
C ARG A 647 -5.05 -45.23 22.68
N LEU A 648 -3.86 -45.61 23.12
CA LEU A 648 -2.88 -44.66 23.63
C LEU A 648 -2.77 -43.45 22.70
N LEU A 649 -2.19 -43.67 21.52
CA LEU A 649 -2.02 -42.60 20.55
C LEU A 649 -3.23 -41.68 20.51
N VAL A 650 -4.35 -42.20 20.01
CA VAL A 650 -5.58 -41.43 19.95
C VAL A 650 -5.72 -40.54 21.17
N ASP A 651 -5.35 -41.08 22.33
CA ASP A 651 -5.41 -40.33 23.58
C ASP A 651 -4.22 -39.36 23.66
N SER A 652 -3.08 -39.79 23.16
CA SER A 652 -1.88 -38.96 23.16
C SER A 652 -2.09 -37.74 22.27
N LYS A 653 -2.50 -37.97 21.03
CA LYS A 653 -2.77 -36.89 20.09
C LYS A 653 -3.85 -35.97 20.65
N VAL A 654 -4.88 -36.56 21.24
CA VAL A 654 -5.97 -35.80 21.84
C VAL A 654 -5.48 -35.01 23.05
N SER A 655 -4.69 -35.66 23.89
CA SER A 655 -4.15 -35.01 25.09
C SER A 655 -3.37 -33.75 24.73
N LEU A 656 -2.46 -33.87 23.78
CA LEU A 656 -1.64 -32.74 23.33
C LEU A 656 -2.52 -31.65 22.74
N GLY A 657 -3.42 -32.05 21.84
CA GLY A 657 -4.33 -31.10 21.19
C GLY A 657 -5.31 -30.51 22.18
N ILE A 658 -5.91 -31.38 23.00
CA ILE A 658 -6.88 -30.94 24.00
C ILE A 658 -6.21 -30.07 25.06
N ALA A 659 -5.06 -30.52 25.54
CA ALA A 659 -4.32 -29.79 26.56
C ALA A 659 -3.93 -28.42 26.03
N GLY A 660 -3.48 -28.37 24.79
CA GLY A 660 -3.08 -27.11 24.17
C GLY A 660 -4.23 -26.12 24.21
N ILE A 661 -5.38 -26.54 23.69
CA ILE A 661 -6.56 -25.70 23.67
C ILE A 661 -6.90 -25.19 25.07
N LEU A 662 -6.72 -26.05 26.06
CA LEU A 662 -7.00 -25.69 27.45
C LEU A 662 -5.99 -24.67 27.96
N ILE A 663 -4.72 -24.89 27.66
CA ILE A 663 -3.66 -24.00 28.10
C ILE A 663 -3.83 -22.60 27.48
N VAL A 664 -4.39 -22.56 26.28
CA VAL A 664 -4.61 -21.30 25.58
C VAL A 664 -5.87 -20.61 26.07
N LEU A 665 -6.89 -21.42 26.41
CA LEU A 665 -8.15 -20.89 26.90
C LEU A 665 -7.97 -20.08 28.17
N SER A 666 -6.86 -20.34 28.87
CA SER A 666 -6.55 -19.63 30.10
C SER A 666 -5.85 -18.31 29.83
N SER A 667 -5.87 -17.89 28.57
CA SER A 667 -5.22 -16.64 28.18
C SER A 667 -5.92 -16.01 26.97
N VAL A 668 -6.73 -16.82 26.28
CA VAL A 668 -7.46 -16.35 25.11
C VAL A 668 -6.54 -16.25 23.90
N ALA A 669 -6.90 -16.95 22.83
CA ALA A 669 -6.11 -16.95 21.61
C ALA A 669 -6.71 -17.87 20.55
N CYS A 670 -6.23 -17.77 19.32
CA CYS A 670 -6.71 -18.60 18.23
C CYS A 670 -5.96 -18.32 16.94
N SER A 671 -6.14 -19.18 15.95
CA SER A 671 -5.45 -19.02 14.60
C SER A 671 -5.65 -20.09 13.43
N LEU A 672 -5.20 -19.76 12.23
CA LEU A 672 -5.32 -20.66 11.09
C LEU A 672 -4.23 -21.73 11.10
N GLY A 673 -3.01 -21.31 10.80
CA GLY A 673 -1.87 -22.21 10.78
C GLY A 673 -1.71 -22.92 12.11
N VAL A 674 -2.33 -22.39 13.15
CA VAL A 674 -2.26 -22.96 14.48
C VAL A 674 -2.82 -24.38 14.49
N PHE A 675 -3.31 -24.84 13.34
CA PHE A 675 -3.88 -26.17 13.21
C PHE A 675 -2.87 -27.14 12.61
N SER A 676 -2.29 -26.74 11.48
CA SER A 676 -1.28 -27.57 10.81
C SER A 676 -0.13 -27.86 11.76
N TYR A 677 0.11 -26.92 12.67
CA TYR A 677 1.17 -27.09 13.67
C TYR A 677 0.72 -28.05 14.78
N ILE A 678 -0.49 -27.85 15.27
CA ILE A 678 -1.04 -28.70 16.31
C ILE A 678 -1.05 -30.16 15.91
N GLY A 679 -1.54 -30.44 14.71
CA GLY A 679 -1.61 -31.80 14.21
C GLY A 679 -0.22 -32.38 13.95
N LEU A 680 0.49 -31.80 13.02
CA LEU A 680 1.83 -32.26 12.67
C LEU A 680 2.76 -32.20 13.88
N PRO A 681 2.49 -31.24 14.77
CA PRO A 681 3.28 -31.10 16.01
C PRO A 681 3.09 -32.31 16.91
N LEU A 682 1.86 -32.84 16.96
CA LEU A 682 1.56 -34.00 17.78
C LEU A 682 2.51 -35.15 17.49
N THR A 683 3.08 -35.15 16.29
CA THR A 683 4.02 -36.19 15.87
C THR A 683 5.13 -36.37 16.91
N LEU A 684 5.67 -35.25 17.39
CA LEU A 684 6.73 -35.28 18.38
C LEU A 684 6.36 -36.20 19.55
N ILE A 685 5.12 -36.10 19.99
CA ILE A 685 4.63 -36.93 21.09
C ILE A 685 4.50 -38.39 20.67
N VAL A 686 4.00 -38.59 19.46
CA VAL A 686 3.82 -39.94 18.92
C VAL A 686 5.16 -40.58 18.58
N ILE A 687 6.00 -39.84 17.87
CA ILE A 687 7.31 -40.33 17.49
C ILE A 687 8.06 -40.88 18.70
N GLU A 688 8.45 -39.98 19.60
CA GLU A 688 9.16 -40.39 20.81
C GLU A 688 8.38 -41.43 21.59
N VAL A 689 7.07 -41.27 21.62
CA VAL A 689 6.20 -42.21 22.33
C VAL A 689 6.08 -43.53 21.58
N ILE A 690 6.20 -43.46 20.25
CA ILE A 690 6.11 -44.65 19.42
C ILE A 690 7.44 -45.40 19.40
N PRO A 691 8.54 -44.71 19.94
CA PRO A 691 9.78 -45.49 19.91
C PRO A 691 10.10 -46.10 21.27
N PHE A 692 9.66 -45.45 22.33
CA PHE A 692 9.90 -45.95 23.68
C PHE A 692 9.20 -47.29 23.90
N LEU A 693 7.98 -47.40 23.40
CA LEU A 693 7.21 -48.63 23.52
C LEU A 693 7.78 -49.73 22.62
N VAL A 694 8.19 -49.34 21.42
CA VAL A 694 8.76 -50.29 20.46
C VAL A 694 10.07 -50.87 20.98
N LEU A 695 10.89 -50.02 21.59
CA LEU A 695 12.17 -50.45 22.14
C LEU A 695 11.98 -51.52 23.22
N ALA A 696 11.01 -51.28 24.11
CA ALA A 696 10.72 -52.22 25.18
C ALA A 696 10.23 -53.53 24.59
N VAL A 697 9.49 -53.42 23.48
CA VAL A 697 8.96 -54.60 22.79
C VAL A 697 10.14 -55.47 22.35
N GLY A 698 11.22 -54.82 21.93
CA GLY A 698 12.40 -55.54 21.49
C GLY A 698 13.19 -56.10 22.67
N VAL A 699 12.68 -55.86 23.87
CA VAL A 699 13.34 -56.32 25.09
C VAL A 699 12.94 -57.76 25.42
N ASP A 700 13.70 -58.39 26.33
CA ASP A 700 13.42 -59.75 26.74
C ASP A 700 14.57 -60.32 27.56
N ASN A 701 14.45 -60.23 28.89
CA ASN A 701 15.49 -60.73 29.79
C ASN A 701 14.87 -61.41 31.01
N ILE A 702 15.69 -61.58 32.05
CA ILE A 702 15.24 -62.23 33.28
C ILE A 702 14.38 -61.28 34.11
N PHE A 703 13.21 -60.94 33.60
CA PHE A 703 12.29 -60.03 34.30
C PHE A 703 11.14 -59.61 33.39
N ILE A 704 10.04 -59.21 33.99
CA ILE A 704 8.87 -58.77 33.23
C ILE A 704 7.90 -57.97 34.10
N LEU A 705 7.52 -56.79 33.62
CA LEU A 705 6.60 -55.93 34.35
C LEU A 705 7.30 -55.25 35.52
N VAL A 706 7.75 -56.03 36.48
CA VAL A 706 8.44 -55.50 37.66
C VAL A 706 9.61 -54.61 37.25
N GLN A 707 10.80 -55.21 37.17
CA GLN A 707 12.00 -54.47 36.80
C GLN A 707 12.20 -54.48 35.28
N ALA A 708 11.46 -55.35 34.60
CA ALA A 708 11.56 -55.45 33.15
C ALA A 708 11.01 -54.22 32.46
N TYR A 709 10.19 -53.46 33.19
CA TYR A 709 9.59 -52.24 32.65
C TYR A 709 10.38 -51.00 33.07
N GLN A 710 10.93 -51.03 34.27
CA GLN A 710 11.70 -49.92 34.80
C GLN A 710 13.13 -49.95 34.27
N ARG A 711 13.59 -51.13 33.88
CA ARG A 711 14.94 -51.28 33.34
C ARG A 711 14.99 -50.98 31.85
N ASP A 712 13.83 -51.01 31.20
CA ASP A 712 13.74 -50.73 29.77
C ASP A 712 13.13 -49.36 29.52
N GLU A 713 12.48 -48.80 30.54
CA GLU A 713 11.85 -47.49 30.42
C GLU A 713 12.76 -46.40 30.97
N ARG A 714 13.05 -46.47 32.27
CA ARG A 714 13.90 -45.48 32.92
C ARG A 714 15.35 -45.62 32.46
N LEU A 715 15.55 -46.39 31.39
CA LEU A 715 16.90 -46.61 30.85
C LEU A 715 17.08 -45.88 29.53
N GLN A 716 16.05 -45.93 28.69
CA GLN A 716 16.10 -45.27 27.39
C GLN A 716 15.08 -44.15 27.30
N GLY A 717 13.95 -44.33 27.97
CA GLY A 717 12.88 -43.33 27.98
C GLY A 717 13.15 -42.20 28.95
N GLU A 718 13.88 -42.51 30.03
CA GLU A 718 14.20 -41.53 31.04
C GLU A 718 15.06 -40.41 30.47
N THR A 719 16.25 -40.76 30.00
CA THR A 719 17.18 -39.78 29.42
C THR A 719 16.60 -39.17 28.14
N LEU A 720 16.44 -40.01 27.12
CA LEU A 720 15.90 -39.55 25.84
C LEU A 720 14.67 -38.67 26.04
N ASP A 721 13.60 -39.27 26.51
CA ASP A 721 12.35 -38.54 26.76
C ASP A 721 12.61 -37.26 27.55
N GLN A 722 13.37 -37.40 28.65
CA GLN A 722 13.69 -36.26 29.49
C GLN A 722 14.35 -35.15 28.69
N GLN A 723 15.22 -35.53 27.75
CA GLN A 723 15.91 -34.57 26.91
C GLN A 723 15.02 -34.12 25.75
N LEU A 724 14.22 -35.04 25.22
CA LEU A 724 13.32 -34.74 24.12
C LEU A 724 12.24 -33.75 24.55
N GLY A 725 11.68 -33.97 25.74
CA GLY A 725 10.65 -33.10 26.28
C GLY A 725 11.15 -31.69 26.49
N ARG A 726 12.39 -31.56 26.95
CA ARG A 726 12.99 -30.26 27.20
C ARG A 726 13.27 -29.52 25.89
N VAL A 727 13.99 -30.17 25.00
CA VAL A 727 14.33 -29.59 23.71
C VAL A 727 13.09 -29.09 22.99
N LEU A 728 11.95 -29.72 23.27
CA LEU A 728 10.68 -29.34 22.65
C LEU A 728 10.06 -28.15 23.36
N GLY A 729 10.09 -28.18 24.70
CA GLY A 729 9.52 -27.10 25.49
C GLY A 729 10.33 -25.82 25.35
N GLU A 730 11.61 -25.97 25.03
CA GLU A 730 12.49 -24.82 24.86
C GLU A 730 12.21 -24.09 23.56
N VAL A 731 11.73 -24.84 22.56
CA VAL A 731 11.41 -24.26 21.26
C VAL A 731 10.03 -23.63 21.26
N ALA A 732 9.11 -24.24 22.00
CA ALA A 732 7.74 -23.75 22.09
C ALA A 732 7.55 -22.86 23.32
N PRO A 733 8.30 -23.17 24.37
CA PRO A 733 8.22 -22.41 25.62
C PRO A 733 8.72 -20.99 25.42
N SER A 734 10.02 -20.85 25.15
CA SER A 734 10.63 -19.55 24.95
C SER A 734 10.02 -18.83 23.75
N MET A 735 8.95 -19.40 23.21
CA MET A 735 8.27 -18.82 22.05
C MET A 735 7.54 -17.53 22.43
N PHE A 736 7.80 -17.04 23.64
CA PHE A 736 7.16 -15.82 24.13
C PHE A 736 7.61 -14.54 23.42
N LEU A 737 8.37 -14.69 22.34
CA LEU A 737 9.06 -13.59 21.70
C LEU A 737 8.09 -12.48 21.29
N SER A 738 8.55 -11.61 20.40
CA SER A 738 7.72 -10.51 19.92
C SER A 738 7.37 -10.67 18.45
N SER A 739 6.08 -10.84 18.16
CA SER A 739 5.61 -11.01 16.79
C SER A 739 4.15 -11.43 16.77
N PHE A 740 3.76 -12.16 15.72
CA PHE A 740 2.40 -12.64 15.58
C PHE A 740 2.35 -14.15 15.37
N SER A 741 3.00 -14.88 16.26
CA SER A 741 3.04 -16.33 16.18
C SER A 741 3.31 -16.96 17.54
N GLU A 742 3.63 -16.13 18.52
CA GLU A 742 3.92 -16.61 19.87
C GLU A 742 2.75 -17.41 20.43
N THR A 743 1.54 -17.01 20.06
CA THR A 743 0.33 -17.69 20.52
C THR A 743 0.35 -19.16 20.13
N VAL A 744 0.19 -19.43 18.83
CA VAL A 744 0.19 -20.79 18.33
C VAL A 744 1.42 -21.57 18.81
N ALA A 745 2.56 -20.89 18.84
CA ALA A 745 3.80 -21.51 19.29
C ALA A 745 3.68 -22.01 20.73
N PHE A 746 3.81 -21.08 21.68
CA PHE A 746 3.72 -21.42 23.09
C PHE A 746 2.65 -22.47 23.37
N PHE A 747 1.43 -22.20 22.90
CA PHE A 747 0.31 -23.11 23.13
C PHE A 747 0.70 -24.54 22.81
N LEU A 748 1.43 -24.72 21.71
CA LEU A 748 1.87 -26.06 21.31
C LEU A 748 3.01 -26.54 22.20
N GLY A 749 3.94 -25.64 22.52
CA GLY A 749 5.08 -25.97 23.37
C GLY A 749 4.58 -26.38 24.76
N ALA A 750 3.58 -25.66 25.24
CA ALA A 750 3.00 -25.97 26.54
C ALA A 750 2.41 -27.36 26.42
N LEU A 751 1.58 -27.55 25.39
CA LEU A 751 0.98 -28.85 25.14
C LEU A 751 2.06 -29.92 25.05
N SER A 752 3.30 -29.48 24.93
CA SER A 752 4.43 -30.41 24.86
C SER A 752 4.91 -31.11 26.12
N VAL A 753 5.17 -30.34 27.17
CA VAL A 753 5.41 -30.87 28.50
C VAL A 753 4.20 -31.68 28.96
N MET A 754 3.01 -31.15 28.70
CA MET A 754 1.77 -31.83 29.04
C MET A 754 1.76 -33.20 28.37
N PRO A 755 1.87 -33.21 27.05
CA PRO A 755 1.89 -34.46 26.30
C PRO A 755 3.00 -35.35 26.83
N ALA A 756 4.08 -34.73 27.30
CA ALA A 756 5.21 -35.45 27.84
C ALA A 756 4.80 -36.13 29.15
N VAL A 757 4.35 -35.34 30.11
CA VAL A 757 3.93 -35.86 31.41
C VAL A 757 2.80 -36.87 31.24
N HIS A 758 2.03 -36.72 30.17
CA HIS A 758 0.91 -37.63 29.90
C HIS A 758 1.41 -39.03 29.59
N THR A 759 2.08 -39.18 28.46
CA THR A 759 2.60 -40.48 28.04
C THR A 759 3.56 -41.05 29.09
N PHE A 760 3.77 -40.28 30.16
CA PHE A 760 4.65 -40.71 31.23
C PHE A 760 4.22 -42.05 31.81
N SER A 761 3.26 -42.02 32.73
CA SER A 761 2.75 -43.23 33.36
C SER A 761 1.49 -43.73 32.66
N LEU A 762 0.89 -42.87 31.83
CA LEU A 762 -0.31 -43.22 31.10
C LEU A 762 -0.02 -44.25 30.01
N PHE A 763 0.92 -43.91 29.13
CA PHE A 763 1.30 -44.79 28.04
C PHE A 763 2.02 -46.03 28.55
N ALA A 764 3.12 -45.82 29.25
CA ALA A 764 3.90 -46.93 29.80
C ALA A 764 3.03 -47.87 30.62
N GLY A 765 2.36 -47.33 31.63
CA GLY A 765 1.48 -48.12 32.48
C GLY A 765 0.43 -48.84 31.66
N LEU A 766 -0.30 -48.09 30.84
CA LEU A 766 -1.35 -48.67 30.01
C LEU A 766 -0.74 -49.74 29.10
N ALA A 767 0.34 -49.36 28.41
CA ALA A 767 1.04 -50.28 27.51
C ALA A 767 1.46 -51.54 28.26
N VAL A 768 1.85 -51.37 29.51
CA VAL A 768 2.28 -52.50 30.33
C VAL A 768 1.08 -53.25 30.90
N PHE A 769 0.23 -52.53 31.62
CA PHE A 769 -0.96 -53.13 32.22
C PHE A 769 -1.68 -54.04 31.22
N ILE A 770 -1.73 -53.62 29.98
CA ILE A 770 -2.39 -54.40 28.93
C ILE A 770 -1.36 -55.15 28.09
N ASP A 771 -0.18 -54.57 27.94
CA ASP A 771 0.89 -55.17 27.15
C ASP A 771 1.11 -56.63 27.57
N PHE A 772 0.82 -56.94 28.82
CA PHE A 772 0.99 -58.28 29.35
C PHE A 772 -0.34 -59.03 29.39
N ALA A 804 -1.71 -64.31 15.76
CA ALA A 804 -1.40 -63.59 14.53
C ALA A 804 -0.73 -62.26 14.82
N GLU A 805 -1.30 -61.51 15.76
CA GLU A 805 -0.76 -60.21 16.14
C GLU A 805 0.69 -60.33 16.61
N ASP A 806 0.93 -61.30 17.49
CA ASP A 806 2.27 -61.52 18.02
C ASP A 806 3.28 -61.78 16.90
N GLY A 807 2.91 -62.65 15.97
CA GLY A 807 3.78 -63.00 14.85
C GLY A 807 4.13 -61.75 14.04
N THR A 808 3.14 -60.94 13.73
CA THR A 808 3.35 -59.72 12.95
C THR A 808 4.36 -58.80 13.65
N SER A 809 4.17 -58.60 14.94
CA SER A 809 5.05 -57.74 15.73
C SER A 809 6.50 -58.23 15.65
N VAL A 810 6.69 -59.52 15.84
CA VAL A 810 8.03 -60.11 15.78
C VAL A 810 8.70 -59.85 14.44
N GLN A 811 7.95 -60.08 13.36
CA GLN A 811 8.47 -59.86 12.02
C GLN A 811 8.95 -58.42 11.83
N ALA A 812 8.11 -57.47 12.26
CA ALA A 812 8.43 -56.04 12.14
C ALA A 812 9.74 -55.75 12.86
N SER A 813 9.82 -56.26 14.07
CA SER A 813 10.98 -56.10 14.95
C SER A 813 12.24 -56.65 14.26
N GLU A 814 12.08 -57.83 13.71
CA GLU A 814 13.15 -58.53 12.99
C GLU A 814 13.67 -57.66 11.84
N SER A 815 12.71 -57.14 11.10
CA SER A 815 12.98 -56.28 9.94
C SER A 815 13.80 -55.06 10.37
N CYS A 816 13.35 -54.46 11.45
CA CYS A 816 13.99 -53.28 12.04
C CYS A 816 15.45 -53.58 12.39
N LEU A 817 15.62 -54.73 13.02
CA LEU A 817 16.94 -55.22 13.45
C LEU A 817 17.86 -55.34 12.24
N PHE A 818 17.31 -55.97 11.21
CA PHE A 818 18.02 -56.19 9.94
C PHE A 818 18.50 -54.86 9.35
N ARG A 819 17.58 -53.92 9.35
CA ARG A 819 17.82 -52.56 8.84
C ARG A 819 18.99 -51.92 9.59
N PHE A 820 18.91 -52.04 10.90
CA PHE A 820 19.93 -51.50 11.81
C PHE A 820 21.30 -52.07 11.47
N PHE A 821 21.30 -53.38 11.30
CA PHE A 821 22.52 -54.15 10.97
C PHE A 821 23.14 -53.61 9.67
N LYS A 822 22.25 -53.43 8.70
CA LYS A 822 22.63 -52.93 7.37
C LYS A 822 23.30 -51.56 7.50
N ASN A 823 22.66 -50.73 8.28
CA ASN A 823 23.12 -49.36 8.55
C ASN A 823 24.53 -49.38 9.14
N SER A 824 24.69 -50.26 10.12
CA SER A 824 25.96 -50.46 10.83
C SER A 824 27.06 -50.84 9.83
N TYR A 825 26.71 -51.78 8.97
CA TYR A 825 27.61 -52.30 7.93
C TYR A 825 28.07 -51.15 7.03
N SER A 826 27.09 -50.36 6.63
CA SER A 826 27.32 -49.21 5.75
C SER A 826 28.32 -48.24 6.40
N PRO A 827 28.10 -47.95 7.68
CA PRO A 827 28.98 -47.05 8.41
C PRO A 827 30.35 -47.68 8.66
N LEU A 828 30.37 -49.00 8.72
CA LEU A 828 31.62 -49.73 8.96
C LEU A 828 32.61 -49.50 7.81
N LEU A 829 32.13 -49.70 6.58
CA LEU A 829 32.97 -49.51 5.41
C LEU A 829 33.76 -48.21 5.48
N LEU A 830 33.12 -47.12 5.05
CA LEU A 830 33.76 -45.81 5.06
C LEU A 830 32.89 -44.77 4.37
N LYS A 831 32.28 -43.90 5.16
CA LYS A 831 31.42 -42.84 4.63
C LYS A 831 32.09 -41.48 4.74
N ASP A 832 33.40 -41.45 4.55
CA ASP A 832 34.16 -40.21 4.62
C ASP A 832 33.98 -39.37 3.36
N TRP A 833 34.00 -40.04 2.20
CA TRP A 833 33.83 -39.36 0.93
C TRP A 833 32.44 -38.74 0.80
N MET A 834 31.42 -39.56 1.03
CA MET A 834 30.04 -39.10 0.95
C MET A 834 29.75 -38.06 2.02
N ARG A 835 30.35 -38.24 3.19
CA ARG A 835 30.16 -37.31 4.29
C ARG A 835 30.64 -35.93 3.87
N PRO A 836 31.76 -35.91 3.15
CA PRO A 836 32.33 -34.65 2.67
C PRO A 836 31.39 -34.07 1.62
N ILE A 837 30.83 -34.94 0.79
CA ILE A 837 29.90 -34.52 -0.25
C ILE A 837 28.68 -33.90 0.42
N VAL A 838 28.22 -34.52 1.49
CA VAL A 838 27.07 -34.05 2.25
C VAL A 838 27.37 -32.63 2.74
N ILE A 839 28.58 -32.44 3.25
CA ILE A 839 29.00 -31.13 3.75
C ILE A 839 28.87 -30.12 2.63
N ALA A 840 29.30 -30.52 1.43
CA ALA A 840 29.24 -29.65 0.25
C ALA A 840 27.79 -29.23 0.02
N ILE A 841 26.88 -30.20 0.04
CA ILE A 841 25.47 -29.93 -0.17
C ILE A 841 24.99 -28.87 0.82
N PHE A 842 25.41 -29.00 2.07
CA PHE A 842 25.02 -28.05 3.10
C PHE A 842 25.65 -26.69 2.82
N VAL A 843 26.91 -26.70 2.39
CA VAL A 843 27.62 -25.46 2.07
C VAL A 843 26.90 -24.75 0.93
N GLY A 844 26.74 -25.44 -0.19
CA GLY A 844 26.06 -24.87 -1.34
C GLY A 844 24.68 -24.35 -0.98
N VAL A 845 24.01 -25.05 -0.07
CA VAL A 845 22.67 -24.65 0.37
C VAL A 845 22.71 -23.33 1.14
N LEU A 846 23.69 -23.19 2.02
CA LEU A 846 23.84 -21.98 2.82
C LEU A 846 24.09 -20.76 1.93
N SER A 847 24.93 -20.93 0.92
CA SER A 847 25.25 -19.85 0.00
C SER A 847 24.08 -19.54 -0.93
N PHE A 848 23.36 -20.58 -1.33
CA PHE A 848 22.22 -20.43 -2.21
C PHE A 848 20.98 -19.95 -1.45
N SER A 849 20.93 -20.28 -0.16
CA SER A 849 19.82 -19.89 0.69
C SER A 849 20.06 -18.53 1.33
N ILE A 850 21.32 -18.22 1.58
CA ILE A 850 21.69 -16.95 2.20
C ILE A 850 21.81 -15.84 1.16
N ALA A 851 21.96 -16.24 -0.10
CA ALA A 851 22.08 -15.28 -1.19
C ALA A 851 20.81 -15.24 -2.04
N VAL A 852 19.72 -15.76 -1.47
CA VAL A 852 18.31 -15.41 -1.86
C VAL A 852 17.36 -14.98 -0.68
N LEU A 853 16.20 -14.44 -1.02
CA LEU A 853 15.23 -14.00 -0.02
C LEU A 853 13.97 -13.46 -0.67
N ASN A 854 13.00 -13.05 0.16
CA ASN A 854 11.74 -12.52 -0.32
C ASN A 854 10.75 -12.30 0.82
N LYS A 855 9.82 -11.38 0.61
CA LYS A 855 8.80 -11.08 1.62
C LYS A 855 7.66 -12.08 1.57
N VAL A 856 6.63 -11.75 0.79
CA VAL A 856 5.46 -12.61 0.65
C VAL A 856 4.33 -11.90 -0.06
N ASP A 857 3.81 -12.52 -1.11
CA ASP A 857 2.71 -11.95 -1.89
C ASP A 857 1.40 -12.65 -1.59
N ILE A 858 0.32 -12.19 -2.23
CA ILE A 858 -1.00 -12.78 -2.03
C ILE A 858 -1.43 -13.57 -3.26
N GLY A 859 -1.50 -14.88 -3.11
CA GLY A 859 -1.90 -15.76 -4.21
C GLY A 859 -2.88 -16.83 -3.74
N LEU A 860 -4.17 -16.53 -3.84
CA LEU A 860 -5.21 -17.47 -3.41
C LEU A 860 -5.64 -18.37 -4.57
N ASP A 861 -6.38 -19.42 -4.24
CA ASP A 861 -6.86 -20.36 -5.25
C ASP A 861 -7.48 -19.63 -6.44
N GLN A 862 -7.76 -20.38 -7.50
CA GLN A 862 -8.36 -19.81 -8.70
C GLN A 862 -9.87 -19.95 -8.67
N SER A 863 -10.53 -19.12 -7.86
CA SER A 863 -11.98 -19.15 -7.75
C SER A 863 -12.64 -18.33 -8.85
N LEU A 864 -12.44 -17.02 -8.80
CA LEU A 864 -13.02 -16.11 -9.80
C LEU A 864 -12.86 -14.65 -9.38
N SER A 865 -13.62 -14.25 -8.36
CA SER A 865 -13.57 -12.89 -7.85
C SER A 865 -12.14 -12.45 -7.59
N MET A 866 -11.51 -13.08 -6.60
CA MET A 866 -10.12 -12.75 -6.24
C MET A 866 -9.25 -12.63 -7.48
N PRO A 867 -9.35 -13.62 -8.37
CA PRO A 867 -8.56 -13.63 -9.60
C PRO A 867 -8.76 -12.34 -10.38
N ASP A 868 -10.01 -11.98 -10.62
CA ASP A 868 -10.35 -10.76 -11.36
C ASP A 868 -9.60 -9.56 -10.80
N ASP A 869 -9.72 -9.35 -9.50
CA ASP A 869 -9.05 -8.23 -8.83
C ASP A 869 -7.55 -8.29 -9.03
N SER A 870 -6.99 -9.49 -8.94
CA SER A 870 -5.55 -9.68 -9.11
C SER A 870 -5.12 -9.38 -10.55
N TYR A 871 -5.89 -9.87 -11.50
CA TYR A 871 -5.60 -9.66 -12.92
C TYR A 871 -5.73 -8.18 -13.29
N MET A 872 -6.84 -7.57 -12.86
CA MET A 872 -7.09 -6.16 -13.15
C MET A 872 -5.96 -5.29 -12.63
N VAL A 873 -5.57 -5.53 -11.38
CA VAL A 873 -4.50 -4.75 -10.76
C VAL A 873 -3.20 -4.84 -11.57
N ASP A 874 -2.84 -6.06 -11.96
CA ASP A 874 -1.63 -6.28 -12.73
C ASP A 874 -1.66 -5.48 -14.04
N TYR A 875 -2.79 -5.57 -14.72
CA TYR A 875 -2.97 -4.86 -15.98
C TYR A 875 -2.98 -3.35 -15.78
N PHE A 876 -3.96 -2.87 -15.02
CA PHE A 876 -4.08 -1.44 -14.75
C PHE A 876 -2.73 -0.83 -14.40
N LYS A 877 -2.75 0.43 -13.97
CA LYS A 877 -1.53 1.14 -13.59
C LYS A 877 -1.77 2.64 -13.47
N SER A 878 -0.74 3.39 -13.12
CA SER A 878 -0.90 4.82 -12.91
C SER A 878 -1.65 5.19 -11.62
N ILE A 879 -2.84 4.61 -11.41
CA ILE A 879 -3.69 4.99 -10.27
C ILE A 879 -4.14 3.83 -9.37
N SER A 880 -5.19 4.08 -8.58
CA SER A 880 -5.70 3.14 -7.57
C SER A 880 -4.74 3.27 -6.36
N GLN A 881 -5.24 3.45 -5.14
CA GLN A 881 -4.36 4.00 -4.09
C GLN A 881 -4.41 3.53 -2.62
N TYR A 882 -3.51 4.13 -2.05
CA TYR A 882 -3.29 4.23 -0.60
C TYR A 882 -2.93 5.66 -0.27
N LEU A 883 -2.90 5.99 1.02
CA LEU A 883 -2.57 7.35 1.46
C LEU A 883 -1.34 7.38 2.35
N HIS A 884 -0.41 8.28 2.06
CA HIS A 884 0.57 8.73 3.04
C HIS A 884 -0.04 9.91 3.75
N ALA A 885 0.12 10.04 4.97
CA ALA A 885 -0.65 10.93 5.82
C ALA A 885 0.11 11.34 7.10
N GLY A 886 0.08 12.63 7.40
CA GLY A 886 0.71 13.19 8.58
C GLY A 886 -0.31 13.86 9.47
N PRO A 887 -0.19 13.68 10.79
CA PRO A 887 -0.96 14.48 11.75
C PRO A 887 0.00 15.47 12.44
N PRO A 888 -0.39 16.74 12.48
CA PRO A 888 0.48 17.77 13.01
C PRO A 888 -0.24 18.58 14.07
N VAL A 889 0.51 19.09 15.04
CA VAL A 889 -0.05 19.86 16.14
C VAL A 889 0.47 21.29 16.15
N TYR A 890 0.02 22.08 17.12
CA TYR A 890 0.44 23.47 17.25
C TYR A 890 -0.28 24.36 16.24
N PHE A 891 0.39 24.65 15.13
CA PHE A 891 -0.18 25.48 14.08
C PHE A 891 -0.80 26.75 14.64
N VAL A 892 0.02 27.77 14.87
CA VAL A 892 -0.45 29.04 15.39
C VAL A 892 0.49 30.18 15.00
N LEU A 893 1.74 29.87 14.74
CA LEU A 893 2.74 30.86 14.37
C LEU A 893 2.81 31.02 12.85
N GLU A 894 2.17 32.05 12.34
CA GLU A 894 2.16 32.34 10.90
C GLU A 894 3.44 31.85 10.20
N GLU A 895 4.59 32.06 10.84
CA GLU A 895 5.88 31.72 10.22
C GLU A 895 6.13 30.22 10.20
N GLY A 896 5.73 29.52 11.27
CA GLY A 896 5.86 28.06 11.28
C GLY A 896 4.91 27.44 10.22
N HIS A 897 3.72 28.00 10.02
CA HIS A 897 2.85 27.56 8.93
C HIS A 897 3.49 27.72 7.55
N ASP A 898 4.14 28.86 7.32
CA ASP A 898 4.91 29.08 6.07
C ASP A 898 6.00 28.02 5.91
N TYR A 899 6.70 27.73 7.00
CA TYR A 899 7.76 26.72 7.00
C TYR A 899 7.22 25.31 6.77
N THR A 900 6.08 25.00 7.39
CA THR A 900 5.41 23.72 7.17
C THR A 900 4.90 23.61 5.72
N SER A 901 4.46 24.74 5.14
CA SER A 901 4.06 24.72 3.74
C SER A 901 5.22 24.40 2.81
N SER A 902 6.41 24.91 3.13
CA SER A 902 7.62 24.64 2.32
C SER A 902 8.01 23.17 2.37
N LYS A 903 7.94 22.59 3.57
CA LYS A 903 8.08 21.14 3.77
C LYS A 903 7.10 20.38 2.88
N GLY A 904 5.85 20.80 2.91
CA GLY A 904 4.77 20.15 2.15
C GLY A 904 5.00 20.21 0.65
N GLN A 905 5.35 21.39 0.16
CA GLN A 905 5.65 21.61 -1.26
C GLN A 905 6.85 20.77 -1.68
N ASN A 906 7.84 20.66 -0.81
CA ASN A 906 9.05 19.89 -1.11
C ASN A 906 8.74 18.40 -1.22
N MET A 907 7.88 17.90 -0.32
CA MET A 907 7.37 16.52 -0.38
C MET A 907 6.64 16.23 -1.71
N VAL A 908 5.77 17.13 -2.14
CA VAL A 908 5.09 17.01 -3.45
C VAL A 908 6.06 16.89 -4.63
N CYS A 909 7.22 17.51 -4.50
CA CYS A 909 8.23 17.48 -5.56
C CYS A 909 8.89 16.10 -5.64
N GLY A 910 9.59 15.71 -4.58
CA GLY A 910 10.26 14.43 -4.53
C GLY A 910 9.35 13.30 -5.01
N GLY A 911 8.12 13.28 -4.49
CA GLY A 911 7.14 12.26 -4.87
C GLY A 911 6.91 12.26 -6.38
N MET A 912 6.60 13.43 -6.93
CA MET A 912 6.34 13.57 -8.36
C MET A 912 7.61 13.32 -9.17
N GLY A 913 8.66 12.88 -8.49
CA GLY A 913 9.94 12.61 -9.15
C GLY A 913 10.33 11.15 -9.00
N CYS A 914 10.54 10.72 -7.76
CA CYS A 914 10.92 9.34 -7.47
C CYS A 914 10.10 8.34 -8.28
N ASN A 915 10.76 7.68 -9.23
CA ASN A 915 10.10 6.69 -10.07
C ASN A 915 10.99 5.47 -10.30
N ASN A 916 10.53 4.55 -11.14
CA ASN A 916 11.29 3.34 -11.43
C ASN A 916 10.81 2.70 -12.73
N ASP A 917 11.75 2.19 -13.52
CA ASP A 917 11.43 1.55 -14.78
C ASP A 917 11.01 2.58 -15.83
N SER A 918 9.71 2.79 -15.95
CA SER A 918 9.16 3.75 -16.91
C SER A 918 8.15 4.68 -16.26
N LEU A 919 8.29 4.85 -14.94
CA LEU A 919 7.38 5.72 -14.19
C LEU A 919 7.78 5.79 -12.72
N VAL A 920 7.11 6.66 -11.97
CA VAL A 920 7.39 6.82 -10.55
C VAL A 920 6.94 5.61 -9.74
N GLN A 921 7.51 5.44 -8.56
CA GLN A 921 7.16 4.32 -7.69
C GLN A 921 6.71 4.82 -6.32
N GLN A 922 7.53 5.66 -5.70
CA GLN A 922 7.23 6.21 -4.38
C GLN A 922 5.77 6.60 -4.28
N ILE A 923 5.48 7.87 -4.54
CA ILE A 923 4.12 8.40 -4.37
C ILE A 923 3.24 8.23 -5.62
N PHE A 924 2.83 9.36 -6.22
CA PHE A 924 1.92 9.33 -7.37
C PHE A 924 2.23 10.40 -8.43
N ASN A 925 2.01 11.67 -8.11
CA ASN A 925 1.51 12.11 -6.81
C ASN A 925 1.68 13.62 -6.76
N ALA A 926 1.09 14.22 -5.74
CA ALA A 926 0.61 15.58 -5.57
C ALA A 926 -0.25 15.58 -4.31
N ALA A 927 -0.74 16.75 -3.93
CA ALA A 927 -1.22 17.09 -2.60
C ALA A 927 -2.13 18.30 -2.63
N GLN A 928 -3.13 18.32 -1.75
CA GLN A 928 -4.08 19.42 -1.67
C GLN A 928 -4.45 19.72 -0.23
N LEU A 929 -3.44 20.02 0.59
CA LEU A 929 -3.66 20.32 2.00
C LEU A 929 -4.82 21.29 2.17
N ASP A 930 -4.52 22.59 2.09
CA ASP A 930 -5.54 23.62 2.25
C ASP A 930 -4.94 25.01 2.15
N ASN A 931 -3.67 25.13 2.53
CA ASN A 931 -2.97 26.41 2.49
C ASN A 931 -3.23 27.14 1.17
N TYR A 932 -3.48 26.36 0.11
CA TYR A 932 -3.74 26.93 -1.21
C TYR A 932 -5.18 27.44 -1.31
N THR A 933 -6.08 26.78 -0.58
CA THR A 933 -7.51 27.17 -0.59
C THR A 933 -7.67 28.57 0.00
N ARG A 934 -7.01 28.75 1.13
CA ARG A 934 -7.04 30.03 1.87
C ARG A 934 -6.53 31.17 0.97
N ILE A 935 -5.42 30.88 0.33
CA ILE A 935 -4.77 31.82 -0.59
C ILE A 935 -5.73 32.24 -1.70
N GLY A 936 -6.37 31.22 -2.25
CA GLY A 936 -7.35 31.40 -3.34
C GLY A 936 -8.48 32.33 -2.89
N PHE A 937 -8.97 32.04 -1.70
CA PHE A 937 -10.06 32.81 -1.07
C PHE A 937 -9.65 34.28 -0.95
N ALA A 938 -8.44 34.46 -0.46
CA ALA A 938 -7.86 35.80 -0.25
C ALA A 938 -7.83 36.56 -1.58
N PRO A 939 -7.36 35.86 -2.60
CA PRO A 939 -7.24 36.40 -3.96
C PRO A 939 -8.62 36.87 -4.45
N SER A 940 -9.64 36.03 -4.24
CA SER A 940 -10.99 36.25 -4.77
C SER A 940 -12.00 36.90 -3.82
N SER A 941 -13.24 35.81 -3.68
CA SER A 941 -14.33 36.48 -2.94
C SER A 941 -15.44 35.57 -2.37
N TRP A 942 -16.69 36.03 -2.42
CA TRP A 942 -17.82 35.40 -1.73
C TRP A 942 -18.55 34.29 -2.52
N ILE A 943 -19.85 34.09 -2.21
CA ILE A 943 -20.58 32.96 -2.78
C ILE A 943 -21.88 32.73 -2.06
N ASP A 944 -22.77 32.01 -2.72
CA ASP A 944 -24.12 31.79 -2.24
C ASP A 944 -24.19 30.40 -1.59
N ASP A 945 -24.92 30.34 -0.48
CA ASP A 945 -25.29 29.08 0.15
C ASP A 945 -26.81 29.03 0.14
N TYR A 946 -27.36 27.92 -0.35
CA TYR A 946 -28.80 27.72 -0.47
C TYR A 946 -29.24 26.70 0.56
N PHE A 947 -30.00 27.13 1.59
CA PHE A 947 -30.38 26.17 2.63
C PHE A 947 -31.40 25.15 2.16
N ASP A 948 -31.31 23.94 2.71
CA ASP A 948 -32.18 22.82 2.41
C ASP A 948 -33.22 22.71 3.53
N TRP A 949 -34.48 22.37 3.22
CA TRP A 949 -35.01 22.15 1.86
C TRP A 949 -35.37 23.44 1.11
N VAL A 950 -35.81 24.45 1.85
CA VAL A 950 -36.16 25.75 1.31
C VAL A 950 -35.62 26.84 2.23
N LYS A 951 -35.65 28.08 1.75
CA LYS A 951 -35.19 29.24 2.53
C LYS A 951 -34.46 30.22 1.64
N PRO A 952 -34.42 31.48 2.09
CA PRO A 952 -33.75 32.56 1.36
C PRO A 952 -32.25 32.29 1.25
N GLN A 953 -31.66 32.72 0.13
CA GLN A 953 -30.22 32.59 -0.08
C GLN A 953 -29.42 33.37 0.96
N SER A 954 -28.27 32.82 1.33
CA SER A 954 -27.36 33.47 2.27
C SER A 954 -26.01 33.64 1.57
N SER A 955 -25.55 34.88 1.46
CA SER A 955 -24.16 35.15 1.09
C SER A 955 -23.42 36.01 2.15
N CYS A 956 -22.22 35.60 2.52
CA CYS A 956 -21.47 36.30 3.56
C CYS A 956 -19.97 36.08 3.46
N CYS A 957 -19.22 37.17 3.63
CA CYS A 957 -17.76 37.13 3.57
C CYS A 957 -17.18 38.53 3.50
N ARG A 958 -16.02 38.65 2.87
CA ARG A 958 -15.35 39.95 2.74
C ARG A 958 -13.99 39.80 2.05
N VAL A 959 -12.91 39.91 2.82
CA VAL A 959 -11.57 39.79 2.25
C VAL A 959 -10.49 40.16 3.29
N PRO A 984 -9.61 41.59 1.63
CA PRO A 984 -8.81 42.46 2.48
C PRO A 984 -7.57 42.99 1.76
N GLU A 985 -7.77 43.49 0.54
CA GLU A 985 -6.67 44.03 -0.25
C GLU A 985 -6.72 45.56 -0.30
N GLY A 986 -5.76 46.19 -0.98
CA GLY A 986 -4.69 45.50 -1.68
C GLY A 986 -3.53 45.16 -0.77
N LYS A 987 -2.89 46.19 -0.21
CA LYS A 987 -1.76 46.00 0.68
C LYS A 987 -2.07 44.97 1.75
N GLN A 988 -3.23 45.12 2.40
CA GLN A 988 -3.65 44.20 3.45
C GLN A 988 -3.81 42.78 2.92
N ARG A 989 -4.35 42.66 1.72
CA ARG A 989 -4.57 41.36 1.08
C ARG A 989 -3.32 40.50 1.19
N PRO A 990 -2.17 41.05 0.79
CA PRO A 990 -0.90 40.32 0.84
C PRO A 990 -0.53 39.91 2.26
N GLN A 991 -0.84 40.77 3.22
CA GLN A 991 -0.54 40.48 4.62
C GLN A 991 -1.42 39.37 5.16
N GLY A 992 -2.73 39.49 4.96
CA GLY A 992 -3.68 38.50 5.43
C GLY A 992 -3.31 37.10 4.99
N GLY A 993 -3.01 36.95 3.70
CA GLY A 993 -2.65 35.65 3.16
C GLY A 993 -1.34 35.13 3.71
N ASP A 994 -0.40 36.04 3.94
CA ASP A 994 0.91 35.68 4.47
C ASP A 994 0.78 34.99 5.82
N PHE A 995 0.07 35.63 6.75
CA PHE A 995 -0.14 35.06 8.13
C PHE A 995 -1.53 35.17 8.88
N MET A 996 -1.55 34.84 10.19
CA MET A 996 -2.76 34.82 11.08
C MET A 996 -3.71 33.68 10.67
N ARG A 997 -4.64 33.12 11.48
CA ARG A 997 -5.24 32.06 10.68
C ARG A 997 -6.65 31.74 11.19
N PHE A 998 -6.94 32.14 12.42
CA PHE A 998 -8.26 31.88 13.01
C PHE A 998 -9.38 32.25 12.04
N LEU A 999 -9.36 33.49 11.57
CA LEU A 999 -10.38 33.97 10.65
C LEU A 999 -10.48 33.07 9.42
N PRO A 1000 -9.37 32.93 8.70
CA PRO A 1000 -9.34 32.09 7.51
C PRO A 1000 -9.83 30.69 7.81
N MET A 1001 -9.22 30.06 8.81
CA MET A 1001 -9.60 28.69 9.20
C MET A 1001 -11.11 28.52 9.39
N PHE A 1002 -11.72 29.37 10.23
CA PHE A 1002 -13.15 29.27 10.54
C PHE A 1002 -14.04 29.51 9.33
N LEU A 1003 -13.58 30.33 8.37
CA LEU A 1003 -14.28 30.47 7.10
C LEU A 1003 -14.05 29.22 6.21
N SER A 1004 -12.79 28.82 6.04
CA SER A 1004 -12.44 27.75 5.11
C SER A 1004 -13.06 26.37 5.45
N ASP A 1005 -13.22 26.06 6.73
CA ASP A 1005 -13.92 24.83 7.13
C ASP A 1005 -15.40 24.81 6.72
N ASN A 1006 -15.98 25.99 6.54
CA ASN A 1006 -17.39 26.11 6.15
C ASN A 1006 -17.52 26.58 4.70
N PRO A 1007 -17.57 25.62 3.78
CA PRO A 1007 -17.70 25.93 2.36
C PRO A 1007 -18.54 24.88 1.64
N ASN A 1008 -19.13 25.29 0.51
CA ASN A 1008 -19.97 24.39 -0.27
C ASN A 1008 -20.52 25.10 -1.51
N PRO A 1009 -19.90 26.21 -1.86
CA PRO A 1009 -20.32 26.98 -3.02
C PRO A 1009 -19.25 28.00 -3.41
N LYS A 1010 -18.59 27.73 -4.53
CA LYS A 1010 -17.53 28.61 -5.02
C LYS A 1010 -17.96 30.07 -4.96
N CYS A 1011 -17.23 30.93 -5.67
CA CYS A 1011 -17.54 32.35 -5.69
C CYS A 1011 -16.72 33.07 -6.75
N GLY A 1012 -17.32 33.33 -7.90
CA GLY A 1012 -16.65 34.02 -8.99
C GLY A 1012 -17.47 33.97 -10.27
N LYS A 1013 -17.18 32.98 -11.12
CA LYS A 1013 -17.89 32.82 -12.38
C LYS A 1013 -18.97 31.74 -12.26
N GLY A 1014 -18.89 30.94 -11.21
CA GLY A 1014 -19.85 29.88 -10.97
C GLY A 1014 -20.16 29.73 -9.48
N GLY A 1015 -20.50 28.52 -9.07
CA GLY A 1015 -20.81 28.24 -7.67
C GLY A 1015 -20.93 26.74 -7.41
N HIS A 1016 -19.85 26.15 -6.90
CA HIS A 1016 -19.83 24.72 -6.60
C HIS A 1016 -19.41 24.47 -5.16
N ALA A 1017 -18.79 23.31 -4.92
CA ALA A 1017 -18.35 22.94 -3.59
C ALA A 1017 -16.84 22.69 -3.56
N ALA A 1018 -16.17 23.23 -2.54
CA ALA A 1018 -14.74 23.07 -2.41
C ALA A 1018 -14.33 23.08 -0.93
N TYR A 1019 -14.88 22.15 -0.16
CA TYR A 1019 -14.57 22.04 1.25
C TYR A 1019 -13.78 20.77 1.56
N SER A 1020 -13.67 20.45 2.84
CA SER A 1020 -12.95 19.26 3.27
C SER A 1020 -13.10 19.01 4.77
N SER A 1021 -12.11 18.39 5.37
CA SER A 1021 -12.14 18.10 6.80
C SER A 1021 -10.74 17.80 7.33
N ALA A 1022 -10.66 17.45 8.61
CA ALA A 1022 -9.38 17.14 9.25
C ALA A 1022 -9.12 18.08 10.41
N VAL A 1023 -9.75 19.24 10.37
CA VAL A 1023 -9.59 20.26 11.41
C VAL A 1023 -10.74 20.15 12.40
N ASN A 1024 -10.47 20.46 13.67
CA ASN A 1024 -11.49 20.39 14.70
C ASN A 1024 -11.07 21.08 16.00
N ILE A 1025 -11.04 22.40 15.98
CA ILE A 1025 -10.71 23.19 17.16
C ILE A 1025 -11.96 23.37 18.01
N LEU A 1026 -11.82 24.08 19.13
CA LEU A 1026 -12.97 24.32 20.00
C LEU A 1026 -13.30 25.81 20.05
N LEU A 1027 -14.59 26.14 20.13
CA LEU A 1027 -15.08 27.52 20.09
C LEU A 1027 -14.37 28.34 18.99
N GLY A 1028 -13.72 29.46 19.34
CA GLY A 1028 -12.92 30.22 18.38
C GLY A 1028 -11.44 30.22 18.79
N HIS A 1029 -11.00 29.13 19.40
CA HIS A 1029 -9.61 28.97 19.79
C HIS A 1029 -8.86 28.33 18.63
N GLY A 1030 -8.59 29.15 17.63
CA GLY A 1030 -8.04 28.67 16.35
C GLY A 1030 -6.67 28.04 16.51
N THR A 1031 -5.92 28.52 17.51
CA THR A 1031 -4.67 27.94 17.95
C THR A 1031 -4.73 26.43 18.23
N ARG A 1032 -5.88 25.94 18.69
CA ARG A 1032 -6.05 24.52 18.98
C ARG A 1032 -6.69 23.78 17.82
N VAL A 1033 -6.00 23.77 16.67
CA VAL A 1033 -6.54 23.16 15.46
C VAL A 1033 -5.84 21.86 15.09
N GLY A 1034 -6.63 20.81 14.90
CA GLY A 1034 -6.11 19.51 14.53
C GLY A 1034 -7.14 18.64 13.84
N ALA A 1035 -6.71 17.80 12.90
CA ALA A 1035 -5.31 17.69 12.50
C ALA A 1035 -5.19 17.69 10.97
N THR A 1036 -4.67 18.81 10.44
CA THR A 1036 -4.48 18.95 9.00
C THR A 1036 -3.82 17.70 8.45
N TYR A 1037 -4.27 17.26 7.29
CA TYR A 1037 -3.80 15.97 6.77
C TYR A 1037 -3.68 16.04 5.25
N PHE A 1038 -2.47 15.78 4.75
CA PHE A 1038 -2.21 15.80 3.32
C PHE A 1038 -1.96 14.38 2.84
N MET A 1039 -2.59 14.02 1.72
CA MET A 1039 -2.48 12.66 1.20
C MET A 1039 -2.24 12.62 -0.31
N THR A 1040 -1.20 11.88 -0.69
CA THR A 1040 -0.87 11.67 -2.11
C THR A 1040 -1.00 10.18 -2.40
N TYR A 1041 -1.98 9.81 -3.21
CA TYR A 1041 -2.21 8.41 -3.56
C TYR A 1041 -1.26 7.95 -4.65
N HIS A 1042 -0.59 6.82 -4.41
CA HIS A 1042 0.35 6.26 -5.36
C HIS A 1042 0.02 4.82 -5.69
N THR A 1043 0.11 4.46 -6.97
CA THR A 1043 -0.19 3.11 -7.42
C THR A 1043 1.05 2.22 -7.34
N VAL A 1044 0.82 0.91 -7.21
CA VAL A 1044 1.91 -0.05 -7.12
C VAL A 1044 1.47 -1.44 -7.55
N LEU A 1045 0.72 -2.11 -6.69
CA LEU A 1045 0.22 -3.45 -6.99
C LEU A 1045 1.23 -4.24 -7.83
N GLN A 1046 2.39 -4.49 -7.27
CA GLN A 1046 3.44 -5.23 -7.97
C GLN A 1046 3.74 -6.56 -7.28
N THR A 1047 3.95 -6.49 -5.96
CA THR A 1047 4.25 -7.68 -5.18
C THR A 1047 4.49 -7.33 -3.71
N SER A 1048 4.53 -8.36 -2.86
CA SER A 1048 4.74 -8.15 -1.44
C SER A 1048 6.03 -7.37 -1.18
N ALA A 1049 7.01 -7.55 -2.07
CA ALA A 1049 8.28 -6.86 -1.93
C ALA A 1049 8.21 -5.44 -2.50
N ASP A 1050 7.32 -5.24 -3.46
CA ASP A 1050 7.15 -3.94 -4.09
C ASP A 1050 6.58 -2.92 -3.11
N PHE A 1051 5.43 -3.26 -2.52
CA PHE A 1051 4.77 -2.39 -1.55
C PHE A 1051 5.65 -2.14 -0.34
N ILE A 1052 6.28 -3.20 0.14
CA ILE A 1052 7.24 -3.10 1.25
C ILE A 1052 8.37 -2.13 0.94
N ASP A 1053 8.89 -2.17 -0.30
CA ASP A 1053 9.91 -1.21 -0.74
C ASP A 1053 9.38 0.23 -0.72
N ALA A 1054 8.15 0.42 -1.21
CA ALA A 1054 7.52 1.75 -1.20
C ALA A 1054 7.31 2.28 0.22
N LEU A 1055 6.92 1.39 1.12
CA LEU A 1055 6.73 1.75 2.52
C LEU A 1055 8.06 2.15 3.13
N LYS A 1056 9.12 1.40 2.79
CA LYS A 1056 10.46 1.71 3.28
C LYS A 1056 10.84 3.14 2.89
N LYS A 1057 10.52 3.52 1.66
CA LYS A 1057 10.80 4.86 1.17
C LYS A 1057 9.99 5.93 1.93
N ALA A 1058 8.71 5.65 2.16
CA ALA A 1058 7.82 6.60 2.82
C ALA A 1058 8.26 6.90 4.24
N ARG A 1059 8.79 5.90 4.94
CA ARG A 1059 9.27 6.12 6.29
C ARG A 1059 10.43 7.11 6.25
N LEU A 1060 11.39 6.86 5.36
CA LEU A 1060 12.50 7.79 5.20
C LEU A 1060 12.05 9.21 4.82
N ILE A 1061 10.94 9.27 3.90
CA ILE A 1061 10.28 10.54 3.57
C ILE A 1061 9.73 11.23 4.82
N ALA A 1062 9.07 10.47 5.67
CA ALA A 1062 8.52 11.01 6.91
C ALA A 1062 9.65 11.55 7.80
N SER A 1063 10.74 10.79 7.90
CA SER A 1063 11.92 11.20 8.65
C SER A 1063 12.57 12.44 8.12
N ASN A 1064 12.70 12.52 6.80
CA ASN A 1064 13.31 13.68 6.16
C ASN A 1064 12.52 14.95 6.42
N VAL A 1065 11.20 14.85 6.34
CA VAL A 1065 10.32 16.00 6.57
C VAL A 1065 10.35 16.41 8.04
N THR A 1066 10.26 15.43 8.93
CA THR A 1066 10.26 15.69 10.37
C THR A 1066 11.67 16.01 10.86
N GLU A 1067 12.67 15.49 10.17
CA GLU A 1067 14.06 15.72 10.54
C GLU A 1067 14.52 17.10 10.10
N THR A 1068 13.95 17.59 9.01
CA THR A 1068 14.30 18.91 8.49
C THR A 1068 14.12 20.00 9.54
N MET A 1069 12.87 20.20 9.95
CA MET A 1069 12.55 21.22 10.96
C MET A 1069 11.65 20.64 12.04
N GLY A 1070 12.24 20.36 13.20
CA GLY A 1070 11.49 19.82 14.32
C GLY A 1070 11.27 20.84 15.42
N ILE A 1071 11.67 20.49 16.64
CA ILE A 1071 11.52 21.38 17.78
C ILE A 1071 11.42 20.60 19.09
N ASN A 1072 10.74 21.17 20.07
CA ASN A 1072 10.58 20.53 21.37
C ASN A 1072 10.75 19.01 21.29
N GLY A 1073 10.34 18.32 22.35
CA GLY A 1073 10.44 16.87 22.40
C GLY A 1073 9.68 16.21 21.27
N SER A 1074 8.47 15.75 21.56
CA SER A 1074 7.64 15.09 20.57
C SER A 1074 6.31 15.82 20.38
N ALA A 1075 5.69 15.62 19.22
CA ALA A 1075 4.42 16.26 18.91
C ALA A 1075 3.94 15.88 17.50
N TYR A 1076 3.48 14.64 17.37
CA TYR A 1076 2.98 14.15 16.07
C TYR A 1076 4.11 14.10 15.04
N ARG A 1077 3.88 13.36 13.97
CA ARG A 1077 4.86 13.21 12.91
C ARG A 1077 4.24 12.65 11.64
N VAL A 1078 5.08 12.09 10.77
CA VAL A 1078 4.60 11.51 9.52
C VAL A 1078 3.87 10.18 9.77
N PHE A 1079 2.84 9.93 8.97
CA PHE A 1079 2.07 8.70 9.09
C PHE A 1079 1.65 8.17 7.72
N PRO A 1080 2.20 7.02 7.35
CA PRO A 1080 1.89 6.39 6.06
C PRO A 1080 0.86 5.29 6.20
N TYR A 1081 -0.42 5.66 6.20
CA TYR A 1081 -1.50 4.68 6.33
C TYR A 1081 -2.07 4.31 4.97
N SER A 1082 -1.62 3.16 4.44
CA SER A 1082 -2.07 2.67 3.15
C SER A 1082 -2.59 1.24 3.25
N VAL A 1083 -3.77 1.00 2.68
CA VAL A 1083 -4.38 -0.32 2.70
C VAL A 1083 -3.38 -1.39 2.27
N PHE A 1084 -2.25 -1.45 2.97
CA PHE A 1084 -1.21 -2.44 2.66
C PHE A 1084 -0.20 -2.55 3.79
N TYR A 1085 -0.13 -1.51 4.62
CA TYR A 1085 0.80 -1.48 5.74
C TYR A 1085 0.49 -2.60 6.74
N VAL A 1086 -0.04 -2.23 7.89
CA VAL A 1086 -0.39 -3.21 8.93
C VAL A 1086 -0.38 -4.63 8.37
N PHE A 1087 -0.83 -4.78 7.13
CA PHE A 1087 -0.88 -6.08 6.48
C PHE A 1087 0.52 -6.53 6.07
N TYR A 1088 1.36 -5.58 5.69
CA TYR A 1088 2.73 -5.89 5.27
C TYR A 1088 3.73 -5.44 6.32
N GLU A 1089 3.26 -4.67 7.30
CA GLU A 1089 4.12 -4.18 8.37
C GLU A 1089 4.94 -5.30 8.98
N GLN A 1090 4.37 -6.51 8.99
CA GLN A 1090 5.05 -7.66 9.55
C GLN A 1090 6.24 -8.07 8.69
N TYR A 1091 6.04 -8.09 7.38
CA TYR A 1091 7.10 -8.46 6.45
C TYR A 1091 8.30 -7.52 6.58
N LEU A 1092 8.21 -6.56 7.48
CA LEU A 1092 9.28 -5.61 7.71
C LEU A 1092 10.40 -6.22 8.54
N THR A 1093 10.23 -6.18 9.86
CA THR A 1093 11.22 -6.74 10.78
C THR A 1093 11.31 -8.25 10.65
N ILE A 1094 11.05 -8.77 9.46
CA ILE A 1094 11.11 -10.20 9.26
C ILE A 1094 12.55 -10.71 9.37
N ILE A 1095 13.51 -9.87 8.98
CA ILE A 1095 14.90 -10.30 9.03
C ILE A 1095 15.36 -10.52 10.47
N ASP A 1096 15.06 -9.57 11.34
CA ASP A 1096 15.44 -9.69 12.75
C ASP A 1096 14.68 -10.83 13.42
N ASP A 1097 13.41 -11.00 13.04
CA ASP A 1097 12.58 -12.05 13.61
C ASP A 1097 13.21 -13.42 13.40
N THR A 1098 13.44 -13.77 12.15
CA THR A 1098 14.04 -15.06 11.81
C THR A 1098 15.35 -15.27 12.56
N ILE A 1099 16.22 -14.26 12.52
CA ILE A 1099 17.51 -14.33 13.20
C ILE A 1099 17.33 -14.39 14.71
N PHE A 1100 16.33 -13.67 15.21
CA PHE A 1100 16.05 -13.63 16.64
C PHE A 1100 15.26 -14.87 17.08
N ASN A 1101 14.23 -15.20 16.31
CA ASN A 1101 13.40 -16.36 16.61
C ASN A 1101 14.25 -17.63 16.71
N LEU A 1102 14.98 -17.93 15.64
CA LEU A 1102 15.83 -19.11 15.60
C LEU A 1102 16.96 -19.02 16.63
N GLY A 1103 17.49 -17.80 16.81
CA GLY A 1103 18.57 -17.57 17.76
C GLY A 1103 18.16 -17.99 19.17
N VAL A 1104 16.93 -17.61 19.55
CA VAL A 1104 16.41 -17.94 20.88
C VAL A 1104 16.35 -19.45 21.08
N SER A 1105 16.07 -20.17 20.00
CA SER A 1105 15.98 -21.63 20.07
C SER A 1105 17.37 -22.26 20.16
N LEU A 1106 18.33 -21.65 19.49
CA LEU A 1106 19.70 -22.16 19.49
C LEU A 1106 20.29 -22.12 20.89
N GLY A 1107 19.86 -21.16 21.69
CA GLY A 1107 20.35 -21.02 23.07
C GLY A 1107 19.62 -21.98 24.00
N ALA A 1108 18.29 -22.08 23.82
CA ALA A 1108 17.48 -22.96 24.65
C ALA A 1108 17.82 -24.43 24.40
N ILE A 1109 18.26 -24.73 23.18
CA ILE A 1109 18.62 -26.09 22.81
C ILE A 1109 20.00 -26.46 23.32
N PHE A 1110 20.97 -25.57 23.10
CA PHE A 1110 22.34 -25.79 23.54
C PHE A 1110 22.42 -25.85 25.06
N LEU A 1111 21.56 -25.09 25.73
CA LEU A 1111 21.53 -25.06 27.19
C LEU A 1111 20.82 -26.28 27.76
N VAL A 1112 19.74 -26.68 27.09
CA VAL A 1112 18.96 -27.83 27.54
C VAL A 1112 19.76 -29.13 27.37
N THR A 1113 20.32 -29.32 26.18
CA THR A 1113 21.10 -30.52 25.90
C THR A 1113 22.28 -30.64 26.86
N MET A 1114 22.55 -29.57 27.61
CA MET A 1114 23.65 -29.56 28.57
C MET A 1114 23.14 -29.70 29.99
N VAL A 1115 21.81 -29.63 30.15
CA VAL A 1115 21.20 -29.75 31.47
C VAL A 1115 21.33 -31.16 32.03
N LEU A 1116 21.98 -32.03 31.25
CA LEU A 1116 22.18 -33.42 31.66
C LEU A 1116 23.39 -34.03 30.98
N LEU A 1117 24.32 -33.17 30.57
CA LEU A 1117 25.54 -33.63 29.89
C LEU A 1117 26.67 -32.61 30.06
N GLY A 1118 26.80 -31.72 29.08
CA GLY A 1118 27.85 -30.71 29.12
C GLY A 1118 29.21 -31.26 28.72
N CYS A 1119 29.29 -31.79 27.51
CA CYS A 1119 30.54 -32.36 27.00
C CYS A 1119 31.40 -31.28 26.37
N GLU A 1120 31.12 -30.02 26.71
CA GLU A 1120 31.88 -28.89 26.18
C GLU A 1120 31.72 -28.77 24.67
N LEU A 1121 32.52 -29.52 23.93
CA LEU A 1121 32.47 -29.49 22.46
C LEU A 1121 31.78 -30.74 21.92
N TRP A 1122 31.79 -31.81 22.72
CA TRP A 1122 31.17 -33.07 22.31
C TRP A 1122 29.69 -32.89 22.03
N SER A 1123 28.86 -33.12 23.03
CA SER A 1123 27.41 -32.98 22.89
C SER A 1123 27.04 -31.60 22.36
N ALA A 1124 27.63 -30.57 22.96
CA ALA A 1124 27.36 -29.19 22.54
C ALA A 1124 27.39 -29.06 21.03
N VAL A 1125 28.54 -29.40 20.43
CA VAL A 1125 28.70 -29.31 18.99
C VAL A 1125 27.75 -30.27 18.27
N ILE A 1126 27.67 -31.50 18.76
CA ILE A 1126 26.80 -32.51 18.17
C ILE A 1126 25.40 -31.94 17.90
N MET A 1127 24.72 -31.52 18.96
CA MET A 1127 23.39 -30.97 18.85
C MET A 1127 23.42 -29.60 18.15
N CYS A 1128 24.38 -28.77 18.55
CA CYS A 1128 24.52 -27.44 17.96
C CYS A 1128 24.63 -27.51 16.45
N ALA A 1129 25.40 -28.50 15.96
CA ALA A 1129 25.59 -28.68 14.52
C ALA A 1129 24.26 -28.95 13.82
N THR A 1130 23.32 -29.56 14.55
CA THR A 1130 22.01 -29.87 13.99
C THR A 1130 21.19 -28.61 13.77
N ILE A 1131 21.45 -27.59 14.59
CA ILE A 1131 20.73 -26.32 14.49
C ILE A 1131 20.97 -25.67 13.13
N ALA A 1132 22.23 -25.57 12.74
CA ALA A 1132 22.60 -24.97 11.46
C ALA A 1132 22.54 -26.00 10.34
N MET A 1133 22.60 -27.28 10.71
CA MET A 1133 22.54 -28.37 9.75
C MET A 1133 21.21 -28.41 9.00
N VAL A 1134 20.11 -28.39 9.74
CA VAL A 1134 18.80 -28.46 9.12
C VAL A 1134 18.30 -27.13 8.56
N LEU A 1135 18.60 -26.05 9.26
CA LEU A 1135 18.19 -24.72 8.85
C LEU A 1135 18.58 -24.41 7.40
N VAL A 1136 19.83 -24.73 7.05
CA VAL A 1136 20.31 -24.49 5.69
C VAL A 1136 19.45 -25.20 4.66
N ASN A 1137 18.87 -26.33 5.06
CA ASN A 1137 18.02 -27.08 4.16
C ASN A 1137 16.67 -26.40 3.98
N MET A 1138 16.08 -25.97 5.08
CA MET A 1138 14.79 -25.30 5.04
C MET A 1138 14.87 -24.03 4.20
N PHE A 1139 15.96 -23.27 4.38
CA PHE A 1139 16.16 -22.04 3.62
C PHE A 1139 16.36 -22.35 2.15
N GLY A 1140 17.17 -23.36 1.85
CA GLY A 1140 17.44 -23.75 0.47
C GLY A 1140 16.13 -24.03 -0.26
N VAL A 1141 15.37 -24.99 0.25
CA VAL A 1141 14.10 -25.36 -0.35
C VAL A 1141 13.18 -24.15 -0.47
N MET A 1142 13.20 -23.28 0.54
CA MET A 1142 12.38 -22.08 0.55
C MET A 1142 12.84 -21.09 -0.52
N TRP A 1143 14.10 -20.69 -0.44
CA TRP A 1143 14.66 -19.74 -1.39
C TRP A 1143 15.27 -20.46 -2.59
N LEU A 1144 15.26 -21.79 -2.55
CA LEU A 1144 15.81 -22.60 -3.63
C LEU A 1144 14.75 -22.91 -4.68
N TRP A 1145 14.12 -24.06 -4.55
CA TRP A 1145 13.08 -24.48 -5.48
C TRP A 1145 11.70 -24.00 -5.04
N GLY A 1146 10.66 -24.75 -5.40
CA GLY A 1146 9.30 -24.40 -5.03
C GLY A 1146 9.19 -24.12 -3.54
N ILE A 1147 9.64 -22.95 -3.12
CA ILE A 1147 9.59 -22.56 -1.72
C ILE A 1147 8.78 -21.28 -1.53
N SER A 1148 8.94 -20.64 -0.37
CA SER A 1148 8.24 -19.40 -0.07
C SER A 1148 8.68 -18.83 1.27
N LEU A 1149 7.98 -17.81 1.73
CA LEU A 1149 8.30 -17.16 3.00
C LEU A 1149 7.21 -16.18 3.41
N ASN A 1150 6.94 -16.11 4.70
CA ASN A 1150 5.92 -15.21 5.23
C ASN A 1150 5.62 -15.52 6.70
N ALA A 1151 4.63 -14.82 7.25
CA ALA A 1151 4.24 -15.01 8.64
C ALA A 1151 4.14 -16.49 8.98
N VAL A 1152 3.86 -17.32 7.98
CA VAL A 1152 3.74 -18.76 8.17
C VAL A 1152 5.09 -19.45 8.05
N SER A 1153 5.73 -19.27 6.90
CA SER A 1153 7.04 -19.87 6.65
C SER A 1153 7.95 -19.70 7.87
N LEU A 1154 7.84 -18.54 8.52
CA LEU A 1154 8.61 -18.25 9.71
C LEU A 1154 8.27 -19.26 10.80
N VAL A 1155 6.97 -19.50 10.97
CA VAL A 1155 6.51 -20.49 11.93
C VAL A 1155 6.94 -21.86 11.44
N ASN A 1156 6.98 -22.02 10.13
CA ASN A 1156 7.40 -23.28 9.53
C ASN A 1156 8.83 -23.62 9.91
N LEU A 1157 9.73 -22.64 9.79
CA LEU A 1157 11.12 -22.82 10.17
C LEU A 1157 11.21 -23.21 11.65
N VAL A 1158 10.37 -22.59 12.47
CA VAL A 1158 10.35 -22.89 13.90
C VAL A 1158 10.08 -24.37 14.12
N MET A 1159 8.95 -24.84 13.61
CA MET A 1159 8.57 -26.25 13.75
C MET A 1159 9.67 -27.16 13.23
N SER A 1160 10.32 -26.73 12.15
CA SER A 1160 11.41 -27.49 11.56
C SER A 1160 12.49 -27.75 12.59
N CYS A 1161 12.98 -26.68 13.21
CA CYS A 1161 14.00 -26.78 14.25
C CYS A 1161 13.49 -27.67 15.38
N GLY A 1162 12.18 -27.67 15.58
CA GLY A 1162 11.58 -28.48 16.63
C GLY A 1162 11.77 -29.96 16.38
N ILE A 1163 11.13 -30.48 15.34
CA ILE A 1163 11.23 -31.88 14.99
C ILE A 1163 12.69 -32.30 14.87
N SER A 1164 13.51 -31.41 14.31
CA SER A 1164 14.93 -31.67 14.15
C SER A 1164 15.56 -31.99 15.51
N VAL A 1165 15.24 -31.17 16.50
CA VAL A 1165 15.75 -31.36 17.86
C VAL A 1165 15.31 -32.75 18.34
N GLU A 1166 14.05 -33.08 18.10
CA GLU A 1166 13.51 -34.37 18.49
C GLU A 1166 14.42 -35.50 18.01
N PHE A 1167 14.59 -35.58 16.69
CA PHE A 1167 15.45 -36.58 16.10
C PHE A 1167 16.75 -36.65 16.87
N CYS A 1168 17.59 -35.65 16.66
CA CYS A 1168 18.93 -35.61 17.23
C CYS A 1168 18.94 -36.06 18.68
N SER A 1169 18.04 -35.49 19.47
CA SER A 1169 17.99 -35.71 20.92
C SER A 1169 18.14 -37.17 21.34
N HIS A 1170 17.38 -38.06 20.69
CA HIS A 1170 17.36 -39.48 21.06
C HIS A 1170 18.64 -40.22 20.65
N ILE A 1171 19.13 -39.91 19.45
CA ILE A 1171 20.27 -40.62 18.85
C ILE A 1171 21.59 -40.45 19.61
N THR A 1172 21.64 -39.33 20.35
CA THR A 1172 22.79 -38.59 20.86
C THR A 1172 22.91 -38.72 22.38
N ARG A 1173 21.76 -38.73 23.05
CA ARG A 1173 21.72 -38.85 24.51
C ARG A 1173 22.12 -40.25 24.95
N ALA A 1174 22.03 -41.21 24.03
CA ALA A 1174 22.38 -42.59 24.31
C ALA A 1174 23.71 -42.97 23.67
N PHE A 1175 24.15 -42.17 22.72
CA PHE A 1175 25.41 -42.41 22.02
C PHE A 1175 26.56 -41.70 22.71
N THR A 1176 26.34 -40.45 23.11
CA THR A 1176 27.37 -39.66 23.77
C THR A 1176 27.94 -40.41 24.98
N VAL A 1177 27.06 -40.87 25.85
CA VAL A 1177 27.48 -41.62 27.04
C VAL A 1177 28.33 -42.82 26.67
N SER A 1178 27.67 -43.89 26.24
CA SER A 1178 28.36 -45.12 25.84
C SER A 1178 29.24 -45.64 26.98
N MET A 1179 28.72 -46.60 27.72
CA MET A 1179 29.45 -47.19 28.84
C MET A 1179 30.81 -47.72 28.38
N LYS A 1180 30.82 -48.95 27.88
CA LYS A 1180 32.05 -49.57 27.40
C LYS A 1180 32.50 -48.81 26.16
N GLY A 1181 33.42 -47.88 26.34
CA GLY A 1181 33.70 -46.88 25.30
C GLY A 1181 34.68 -47.42 24.27
N SER A 1182 34.65 -46.84 23.07
CA SER A 1182 35.53 -47.26 21.99
C SER A 1182 35.75 -46.13 20.99
N ARG A 1183 36.37 -46.46 19.87
CA ARG A 1183 36.65 -45.48 18.82
C ARG A 1183 35.38 -45.12 18.06
N VAL A 1184 34.86 -46.08 17.29
CA VAL A 1184 33.65 -45.87 16.50
C VAL A 1184 32.76 -47.11 16.54
N GLU A 1185 33.07 -48.04 17.43
CA GLU A 1185 32.29 -49.27 17.57
C GLU A 1185 31.08 -49.05 18.46
N ARG A 1186 31.29 -48.42 19.60
CA ARG A 1186 30.22 -48.16 20.55
C ARG A 1186 29.11 -47.31 19.91
N ALA A 1187 29.51 -46.35 19.09
CA ALA A 1187 28.56 -45.47 18.42
C ALA A 1187 27.60 -46.27 17.55
N GLU A 1188 28.15 -47.12 16.68
CA GLU A 1188 27.34 -47.94 15.80
C GLU A 1188 26.34 -48.79 16.58
N GLU A 1189 26.73 -49.15 17.80
CA GLU A 1189 25.87 -49.97 18.66
C GLU A 1189 24.66 -49.17 19.15
N ALA A 1190 24.90 -47.97 19.66
CA ALA A 1190 23.83 -47.12 20.15
C ALA A 1190 22.86 -46.74 19.05
N LEU A 1191 23.37 -46.07 18.02
CA LEU A 1191 22.55 -45.65 16.89
C LEU A 1191 21.65 -46.79 16.41
N ALA A 1192 22.14 -48.02 16.52
CA ALA A 1192 21.38 -49.18 16.10
C ALA A 1192 20.03 -49.25 16.80
N HIS A 1193 20.04 -49.15 18.13
CA HIS A 1193 18.82 -49.19 18.91
C HIS A 1193 18.01 -47.91 18.74
N MET A 1194 18.65 -46.89 18.15
CA MET A 1194 17.99 -45.61 17.92
C MET A 1194 17.59 -45.44 16.45
N GLY A 1195 18.22 -46.22 15.58
CA GLY A 1195 17.95 -46.18 14.16
C GLY A 1195 16.59 -46.77 13.82
N SER A 1196 16.21 -47.84 14.52
CA SER A 1196 14.93 -48.49 14.29
C SER A 1196 13.77 -47.51 14.47
N SER A 1197 13.92 -46.60 15.42
CA SER A 1197 12.89 -45.62 15.69
C SER A 1197 12.93 -44.48 14.68
N VAL A 1198 14.12 -44.20 14.16
CA VAL A 1198 14.30 -43.14 13.18
C VAL A 1198 13.56 -43.46 11.88
N PHE A 1199 13.38 -44.74 11.62
CA PHE A 1199 12.68 -45.18 10.41
C PHE A 1199 11.20 -45.39 10.67
N SER A 1200 10.84 -45.52 11.94
CA SER A 1200 9.45 -45.73 12.32
C SER A 1200 8.64 -44.44 12.20
N GLY A 1201 8.80 -43.55 13.17
CA GLY A 1201 8.09 -42.28 13.16
C GLY A 1201 8.35 -41.47 11.91
N ILE A 1202 9.62 -41.13 11.68
CA ILE A 1202 10.00 -40.35 10.51
C ILE A 1202 9.32 -40.87 9.25
N THR A 1203 9.76 -42.05 8.79
CA THR A 1203 9.20 -42.65 7.59
C THR A 1203 7.69 -42.44 7.53
N LEU A 1204 6.98 -42.91 8.54
CA LEU A 1204 5.53 -42.76 8.60
C LEU A 1204 5.11 -41.32 8.37
N THR A 1205 5.62 -40.41 9.20
CA THR A 1205 5.29 -39.00 9.10
C THR A 1205 5.37 -38.53 7.65
N LYS A 1206 6.44 -38.90 6.96
CA LYS A 1206 6.58 -38.59 5.54
C LYS A 1206 5.50 -39.29 4.74
N PHE A 1207 5.28 -40.57 5.06
CA PHE A 1207 4.26 -41.37 4.39
C PHE A 1207 2.89 -40.69 4.47
N GLY A 1208 2.73 -39.84 5.48
CA GLY A 1208 1.49 -39.10 5.65
C GLY A 1208 1.46 -37.83 4.82
N GLY A 1209 2.57 -37.09 4.88
CA GLY A 1209 2.69 -35.87 4.10
C GLY A 1209 2.41 -36.12 2.63
N ILE A 1210 3.01 -37.18 2.11
CA ILE A 1210 2.85 -37.56 0.71
C ILE A 1210 1.37 -37.51 0.33
N VAL A 1211 0.53 -38.20 1.09
CA VAL A 1211 -0.90 -38.13 0.89
C VAL A 1211 -1.33 -36.67 0.91
N VAL A 1212 -0.59 -35.85 1.66
CA VAL A 1212 -0.89 -34.44 1.77
C VAL A 1212 -0.14 -33.62 0.73
N LEU A 1213 1.11 -34.01 0.47
CA LEU A 1213 1.94 -33.32 -0.51
C LEU A 1213 1.77 -33.92 -1.91
N ALA A 1214 2.10 -35.20 -2.03
CA ALA A 1214 1.99 -35.89 -3.31
C ALA A 1214 0.55 -35.91 -3.81
N PHE A 1215 -0.39 -35.68 -2.89
CA PHE A 1215 -1.81 -35.67 -3.22
C PHE A 1215 -2.14 -34.50 -4.15
N ALA A 1216 -3.37 -34.02 -4.06
CA ALA A 1216 -3.82 -32.91 -4.89
C ALA A 1216 -4.52 -31.85 -4.05
N LYS A 1217 -5.06 -30.83 -4.72
CA LYS A 1217 -5.75 -29.74 -4.04
C LYS A 1217 -6.43 -28.81 -5.03
N SER A 1218 -7.01 -27.72 -4.52
CA SER A 1218 -7.69 -26.75 -5.36
C SER A 1218 -7.19 -25.34 -5.09
N GLN A 1219 -5.91 -25.22 -4.79
CA GLN A 1219 -5.30 -23.93 -4.50
C GLN A 1219 -3.83 -24.08 -4.12
N ILE A 1220 -3.01 -23.11 -4.53
CA ILE A 1220 -1.59 -23.13 -4.23
C ILE A 1220 -1.33 -22.79 -2.77
N PHE A 1221 -2.31 -22.17 -2.12
CA PHE A 1221 -2.18 -21.79 -0.73
C PHE A 1221 -1.41 -22.84 0.07
N GLN A 1222 -2.09 -23.94 0.40
CA GLN A 1222 -1.47 -25.01 1.16
C GLN A 1222 -0.50 -25.81 0.29
N ILE A 1223 -0.70 -25.75 -1.02
CA ILE A 1223 0.16 -26.46 -1.96
C ILE A 1223 1.63 -26.22 -1.66
N PHE A 1224 1.90 -25.21 -0.84
CA PHE A 1224 3.28 -24.87 -0.46
C PHE A 1224 3.52 -25.13 1.02
N TYR A 1225 2.62 -24.64 1.86
CA TYR A 1225 2.73 -24.81 3.30
C TYR A 1225 3.10 -26.25 3.65
N PHE A 1226 2.24 -27.18 3.27
CA PHE A 1226 2.47 -28.60 3.55
C PHE A 1226 3.44 -29.20 2.54
N ARG A 1227 3.93 -28.37 1.63
CA ARG A 1227 4.87 -28.82 0.60
C ARG A 1227 6.30 -28.84 1.14
N MET A 1228 6.76 -27.71 1.64
CA MET A 1228 8.11 -27.63 2.20
C MET A 1228 8.20 -28.51 3.44
N TYR A 1229 7.17 -28.44 4.26
CA TYR A 1229 7.06 -29.26 5.46
C TYR A 1229 7.68 -30.62 5.22
N LEU A 1230 7.16 -31.31 4.21
CA LEU A 1230 7.58 -32.66 3.85
C LEU A 1230 9.02 -32.67 3.36
N ALA A 1231 9.38 -31.64 2.59
CA ALA A 1231 10.74 -31.51 2.07
C ALA A 1231 11.72 -31.16 3.17
N MET A 1232 11.37 -30.15 3.97
CA MET A 1232 12.21 -29.73 5.08
C MET A 1232 12.26 -30.80 6.16
N VAL A 1233 11.13 -31.43 6.43
CA VAL A 1233 11.04 -32.49 7.42
C VAL A 1233 11.85 -33.71 6.99
N LEU A 1234 11.83 -34.00 5.68
CA LEU A 1234 12.55 -35.14 5.14
C LEU A 1234 14.06 -34.93 5.25
N LEU A 1235 14.53 -33.76 4.82
CA LEU A 1235 15.95 -33.44 4.86
C LEU A 1235 16.51 -33.59 6.27
N GLY A 1236 15.80 -33.04 7.25
CA GLY A 1236 16.23 -33.12 8.64
C GLY A 1236 16.38 -34.56 9.09
N ALA A 1237 15.39 -35.39 8.77
CA ALA A 1237 15.43 -36.81 9.14
C ALA A 1237 16.66 -37.50 8.57
N THR A 1238 16.91 -37.26 7.29
CA THR A 1238 18.06 -37.86 6.62
C THR A 1238 19.36 -37.50 7.32
N HIS A 1239 19.50 -36.21 7.62
CA HIS A 1239 20.69 -35.71 8.29
C HIS A 1239 20.87 -36.36 9.65
N GLY A 1240 19.77 -36.66 10.32
CA GLY A 1240 19.81 -37.30 11.63
C GLY A 1240 20.82 -38.42 11.69
N LEU A 1241 20.67 -39.40 10.79
CA LEU A 1241 21.57 -40.55 10.75
C LEU A 1241 22.96 -40.13 10.30
N ILE A 1242 23.02 -39.38 9.19
CA ILE A 1242 24.29 -38.91 8.65
C ILE A 1242 25.01 -38.00 9.64
N PHE A 1243 24.30 -36.98 10.11
CA PHE A 1243 24.85 -36.02 11.06
C PHE A 1243 25.51 -36.74 12.23
N LEU A 1244 24.77 -37.66 12.85
CA LEU A 1244 25.29 -38.42 13.99
C LEU A 1244 26.54 -39.20 13.61
N PRO A 1245 26.46 -39.94 12.51
CA PRO A 1245 27.59 -40.73 12.03
C PRO A 1245 28.82 -39.88 11.77
N VAL A 1246 28.64 -38.75 11.10
CA VAL A 1246 29.73 -37.85 10.80
C VAL A 1246 30.38 -37.32 12.08
N LEU A 1247 29.54 -36.93 13.04
CA LEU A 1247 30.02 -36.41 14.30
C LEU A 1247 30.81 -37.46 15.07
N LEU A 1248 30.29 -38.68 15.10
CA LEU A 1248 30.96 -39.78 15.80
C LEU A 1248 32.38 -39.99 15.24
N SER A 1249 32.43 -40.00 13.93
CA SER A 1249 33.68 -40.18 13.18
C SER A 1249 34.68 -39.09 13.57
N TYR A 1250 34.17 -37.88 13.57
CA TYR A 1250 34.96 -36.68 13.91
C TYR A 1250 35.55 -36.83 15.32
N ILE A 1251 34.69 -37.24 16.22
CA ILE A 1251 35.05 -37.45 17.63
C ILE A 1251 36.20 -38.47 17.74
C1 NAG B . 5.10 52.21 -15.55
C2 NAG B . 4.15 51.78 -14.43
C3 NAG B . 4.05 52.88 -13.36
C4 NAG B . 5.42 53.43 -12.94
C5 NAG B . 6.30 53.71 -14.16
C6 NAG B . 7.77 54.06 -13.81
C7 NAG B . 2.04 50.54 -14.50
C8 NAG B . 0.70 50.50 -15.15
N2 NAG B . 2.82 51.52 -14.92
O3 NAG B . 3.39 52.33 -12.24
O4 NAG B . 5.28 54.63 -12.19
O5 NAG B . 6.34 52.55 -14.96
O6 NAG B . 8.36 53.02 -13.04
O7 NAG B . 2.34 49.70 -13.64
C1 NAG B . 5.82 54.47 -10.86
C2 NAG B . 5.97 55.83 -10.20
C3 NAG B . 6.47 55.69 -8.76
C4 NAG B . 5.64 54.66 -7.99
C5 NAG B . 5.50 53.35 -8.78
C6 NAG B . 4.53 52.35 -8.12
C7 NAG B . 6.51 57.56 -11.85
C8 NAG B . 7.63 58.26 -12.59
N2 NAG B . 6.90 56.67 -10.94
O3 NAG B . 6.41 56.94 -8.10
O4 NAG B . 6.27 54.44 -6.73
O5 NAG B . 5.01 53.62 -10.09
O6 NAG B . 3.35 53.00 -7.69
O7 NAG B . 5.33 57.84 -12.10
C1 NAG C . -20.07 30.26 -18.28
C2 NAG C . -21.46 30.85 -18.07
C3 NAG C . -21.89 31.62 -19.35
C4 NAG C . -20.82 32.56 -19.94
C5 NAG C . -19.41 31.97 -19.83
C6 NAG C . -18.28 32.99 -19.99
C7 NAG C . -22.40 29.14 -16.59
C8 NAG C . -23.49 28.11 -16.41
N2 NAG C . -22.43 29.82 -17.74
O3 NAG C . -23.07 32.38 -19.04
O4 NAG C . -21.12 32.76 -21.34
O5 NAG C . -19.22 31.38 -18.56
O6 NAG C . -18.02 33.24 -21.37
O7 NAG C . -21.57 29.33 -15.71
C1 NAG C . -21.43 34.14 -21.55
C2 NAG C . -22.93 34.35 -21.55
C3 NAG C . -23.28 35.81 -21.77
C4 NAG C . -22.50 36.71 -20.82
C5 NAG C . -21.02 36.36 -20.85
C6 NAG C . -20.24 37.21 -19.84
C7 NAG C . -24.85 33.46 -22.75
C8 NAG C . -25.34 32.38 -23.68
N2 NAG C . -23.53 33.54 -22.60
O3 NAG C . -24.69 36.00 -21.56
O4 NAG C . -22.68 38.08 -21.19
O5 NAG C . -20.84 34.99 -20.55
O6 NAG C . -19.17 37.89 -20.50
O7 NAG C . -25.62 34.21 -22.17
C1 NAG D . -1.71 8.44 -28.70
C2 NAG D . -1.77 8.06 -30.17
C3 NAG D . -0.78 8.87 -31.02
C4 NAG D . -0.80 10.35 -30.64
C5 NAG D . -0.67 10.51 -29.14
C6 NAG D . -0.66 11.97 -28.74
C7 NAG D . -1.98 5.72 -29.53
C8 NAG D . -1.32 5.66 -28.18
N2 NAG D . -1.51 6.65 -30.36
O3 NAG D . -1.12 8.73 -32.39
O4 NAG D . 0.25 11.06 -31.30
O5 NAG D . -1.77 9.84 -28.51
O6 NAG D . 0.19 12.15 -27.60
O7 NAG D . -2.90 4.98 -29.83
C1 NAG D . -0.33 11.84 -32.36
C2 NAG D . 0.34 13.21 -32.41
C3 NAG D . -0.22 14.06 -33.54
C4 NAG D . -0.22 13.28 -34.85
C5 NAG D . -0.87 11.91 -34.67
C6 NAG D . -0.82 11.11 -35.96
C7 NAG D . 1.18 14.33 -30.42
C8 NAG D . 1.29 13.79 -29.04
N2 NAG D . 0.14 13.89 -31.14
O3 NAG D . 0.58 15.24 -33.69
O4 NAG D . -0.95 14.02 -35.85
O5 NAG D . -0.18 11.20 -33.64
O6 NAG D . -1.78 10.05 -35.90
O7 NAG D . 1.98 15.13 -30.89
C1 BMA D . -0.20 14.00 -37.07
C2 BMA D . -0.79 12.95 -38.01
C3 BMA D . -0.04 12.91 -39.33
C4 BMA D . 0.13 14.31 -39.91
C5 BMA D . 0.67 15.27 -38.86
C6 BMA D . 0.77 16.69 -39.41
O2 BMA D . -2.17 13.25 -38.26
O3 BMA D . -0.74 12.09 -40.27
O4 BMA D . 1.04 14.26 -41.02
O5 BMA D . -0.19 15.27 -37.73
O6 BMA D . -0.45 17.39 -39.15
C1 NAG E . -23.84 -4.00 -27.62
C2 NAG E . -25.20 -3.68 -27.00
C3 NAG E . -26.29 -3.67 -28.05
C4 NAG E . -25.98 -2.77 -29.25
C5 NAG E . -24.54 -3.02 -29.74
C6 NAG E . -24.01 -1.97 -30.70
C7 NAG E . -26.05 -4.36 -24.78
C8 NAG E . -26.35 -5.54 -23.88
N2 NAG E . -25.54 -4.67 -25.98
O3 NAG E . -27.51 -3.23 -27.43
O4 NAG E . -26.98 -3.17 -30.20
O5 NAG E . -23.61 -3.04 -28.65
O6 NAG E . -24.08 -0.64 -30.13
O7 NAG E . -26.26 -3.23 -24.39
C1 NAG E . -27.71 -2.27 -30.97
C2 NAG E . -28.73 -1.14 -30.68
C3 NAG E . -29.51 -0.73 -31.94
C4 NAG E . -28.72 -0.77 -33.24
C5 NAG E . -27.88 -2.04 -33.34
C6 NAG E . -27.06 -2.15 -34.62
C7 NAG E . -30.57 -0.77 -29.04
C8 NAG E . -31.46 -1.42 -28.02
N2 NAG E . -29.69 -1.59 -29.65
O3 NAG E . -29.98 0.63 -31.80
O4 NAG E . -29.62 -0.70 -34.35
O5 NAG E . -27.01 -2.05 -32.20
O6 NAG E . -26.24 -0.97 -34.79
O7 NAG E . -30.65 0.42 -29.27
C1 NAG F . -27.83 15.39 -6.70
C2 NAG F . -28.05 16.91 -6.71
C3 NAG F . -29.26 17.27 -7.58
C4 NAG F . -29.17 16.59 -8.94
C5 NAG F . -28.88 15.10 -8.80
C6 NAG F . -28.73 14.44 -10.16
C7 NAG F . -27.54 18.39 -4.87
C8 NAG F . -27.81 18.75 -3.43
N2 NAG F . -28.26 17.38 -5.36
O3 NAG F . -29.30 18.69 -7.75
O4 NAG F . -30.41 16.78 -9.65
O5 NAG F . -27.69 14.92 -8.04
O6 NAG F . -27.84 13.32 -10.04
O7 NAG F . -26.71 18.99 -5.55
C1 NAG F . -30.24 16.52 -11.05
C2 NAG F . -31.51 15.80 -11.50
C3 NAG F . -31.56 15.65 -13.00
C4 NAG F . -31.38 17.00 -13.65
C5 NAG F . -30.06 17.60 -13.18
C6 NAG F . -29.81 18.96 -13.83
C7 NAG F . -32.64 14.19 -10.10
C8 NAG F . -32.53 12.87 -9.39
N2 NAG F . -31.59 14.51 -10.86
O3 NAG F . -32.83 15.09 -13.38
O4 NAG F . -31.39 16.86 -15.07
O5 NAG F . -30.08 17.76 -11.76
O6 NAG F . -31.05 19.68 -13.87
O7 NAG F . -33.60 14.92 -9.98
C1 BMA F . -32.61 17.36 -15.68
C2 BMA F . -33.90 17.00 -14.97
C3 BMA F . -35.11 17.37 -15.83
C4 BMA F . -34.98 18.80 -16.33
C5 BMA F . -33.61 19.05 -16.96
C6 BMA F . -33.46 20.48 -17.44
O2 BMA F . -33.99 17.70 -13.72
O3 BMA F . -36.31 17.23 -15.06
O4 BMA F . -36.01 19.06 -17.31
O5 BMA F . -32.60 18.76 -16.00
O6 BMA F . -32.12 20.69 -17.89
C1 MAN F . -31.68 21.96 -17.40
C2 MAN F . -32.27 23.07 -18.28
C3 MAN F . -31.30 24.23 -18.54
C4 MAN F . -30.43 24.53 -17.33
C5 MAN F . -29.85 23.27 -16.67
C6 MAN F . -30.27 23.20 -15.21
O2 MAN F . -33.45 23.58 -17.65
O3 MAN F . -32.05 25.40 -18.89
O4 MAN F . -29.35 25.38 -17.72
O5 MAN F . -30.26 22.06 -17.32
O6 MAN F . -30.66 21.86 -14.89
C1 NAG G . 13.25 35.46 -25.79
C2 NAG G . 13.72 34.01 -25.71
C3 NAG G . 15.24 33.94 -25.62
C4 NAG G . 15.90 34.81 -26.68
C5 NAG G . 15.30 36.20 -26.69
C6 NAG G . 15.91 37.04 -27.81
C7 NAG G . 13.15 32.03 -24.44
C8 NAG G . 12.90 31.24 -25.69
N2 NAG G . 13.12 33.36 -24.57
O3 NAG G . 15.67 32.58 -25.77
O4 NAG G . 17.30 34.90 -26.41
O5 NAG G . 13.88 36.11 -26.89
O6 NAG G . 14.94 38.00 -28.26
O7 NAG G . 13.37 31.49 -23.37
C1 NAG H . -16.19 4.80 18.78
C2 NAG H . -15.58 6.18 19.00
C3 NAG H . -15.90 6.71 20.38
C4 NAG H . -17.41 6.72 20.56
C5 NAG H . -18.03 5.36 20.22
C6 NAG H . -19.55 5.44 20.29
C7 NAG H . -13.44 6.92 18.13
C8 NAG H . -12.01 6.56 18.07
N2 NAG H . -14.17 6.06 18.81
O3 NAG H . -15.35 8.01 20.55
O4 NAG H . -17.71 7.08 21.91
O5 NAG H . -17.62 4.90 18.92
O6 NAG H . -20.15 4.26 19.75
O7 NAG H . -13.88 7.93 17.59
C1 NAG I . 1.44 63.76 -33.84
C2 NAG I . 1.64 65.26 -34.09
C3 NAG I . 1.10 65.62 -35.47
C4 NAG I . 1.81 64.76 -36.52
C5 NAG I . 1.60 63.29 -36.19
C6 NAG I . 2.36 62.42 -37.20
C7 NAG I . 1.49 66.26 -31.87
C8 NAG I . 0.73 67.04 -30.82
N2 NAG I . 0.91 66.01 -33.07
O3 NAG I . 1.34 67.01 -35.73
O4 NAG I . 1.26 65.04 -37.82
O5 NAG I . 2.10 63.02 -34.88
O6 NAG I . 2.07 61.04 -36.97
O7 NAG I . 2.60 65.85 -31.64
C1 NAG J . -0.76 66.37 -5.76
C2 NAG J . -0.62 67.88 -5.65
C3 NAG J . 0.84 68.29 -5.68
C4 NAG J . 1.67 67.48 -4.70
C5 NAG J . 1.39 65.98 -4.86
C6 NAG J . 2.16 65.17 -3.84
C7 NAG J . -2.64 68.81 -6.62
C8 NAG J . -3.24 69.57 -7.77
N2 NAG J . -1.35 68.53 -6.72
O3 NAG J . 0.95 69.69 -5.35
O4 NAG J . 3.06 67.74 -4.92
O5 NAG J . 0.00 65.74 -4.72
O6 NAG J . 1.74 63.81 -3.90
O7 NAG J . -3.31 68.47 -5.65
C1 NAG K . 6.89 41.65 -43.41
C2 NAG K . 7.40 42.64 -44.45
C3 NAG K . 6.57 42.51 -45.73
C4 NAG K . 6.64 41.07 -46.22
C5 NAG K . 6.16 40.13 -45.11
C6 NAG K . 6.30 38.67 -45.58
C7 NAG K . 8.25 44.53 -43.15
C8 NAG K . 8.12 45.92 -42.61
N2 NAG K . 7.27 44.00 -43.93
O3 NAG K . 7.08 43.39 -46.73
O4 NAG K . 5.82 40.91 -47.37
O5 NAG K . 6.96 40.33 -43.94
O6 NAG K . 5.73 37.80 -44.59
O7 NAG K . 9.22 43.85 -42.88
C1 NAG L . 6.15 38.53 -38.83
C2 NAG L . 5.51 38.22 -40.18
C3 NAG L . 6.16 39.10 -41.26
C4 NAG L . 6.01 40.58 -40.86
C5 NAG L . 6.64 40.79 -39.48
C6 NAG L . 6.43 42.24 -39.05
C7 NAG L . 4.86 35.88 -40.05
C8 NAG L . 5.07 34.44 -40.39
N2 NAG L . 5.71 36.82 -40.52
O3 NAG L . 5.52 38.88 -42.52
O4 NAG L . 6.68 41.40 -41.82
O5 NAG L . 6.00 39.93 -38.54
O6 NAG L . 7.11 42.48 -37.81
O7 NAG L . 3.92 36.21 -39.36
C1 NAG M . 16.39 13.02 2.48
C2 NAG M . 16.94 12.55 1.13
C3 NAG M . 18.44 12.79 1.04
C4 NAG M . 18.79 14.22 1.45
C5 NAG M . 18.13 14.58 2.77
C6 NAG M . 18.42 16.03 3.15
C7 NAG M . 15.46 10.74 0.50
C8 NAG M . 15.30 9.25 0.37
N2 NAG M . 16.64 11.14 0.94
O3 NAG M . 18.88 12.56 -0.30
O4 NAG M . 20.21 14.34 1.57
O5 NAG M . 16.72 14.39 2.68
O6 NAG M . 17.77 16.35 4.38
O7 NAG M . 14.57 11.51 0.23
C1 NAG N . 12.85 24.65 22.83
C2 NAG N . 13.84 25.79 23.06
C3 NAG N . 13.22 26.86 23.96
C4 NAG N . 11.84 27.26 23.45
C5 NAG N . 10.98 26.02 23.20
C6 NAG N . 9.62 26.42 22.63
C7 NAG N . 16.11 24.95 22.91
C8 NAG N . 17.38 24.68 23.66
N2 NAG N . 15.06 25.28 23.65
O3 NAG N . 14.08 28.01 23.97
O4 NAG N . 11.21 28.09 24.44
O5 NAG N . 11.64 25.17 22.28
O6 NAG N . 8.76 25.28 22.59
O7 NAG N . 16.05 24.87 21.69
C1 NAG O . -31.51 70.52 -29.91
C2 NAG O . -31.89 71.01 -31.30
C3 NAG O . -33.40 70.99 -31.51
C4 NAG O . -33.99 69.65 -31.09
C5 NAG O . -33.50 69.25 -29.71
C6 NAG O . -34.03 67.87 -29.31
C7 NAG O . -30.11 72.56 -31.85
C8 NAG O . -29.36 73.54 -31.00
N2 NAG O . -31.38 72.34 -31.52
O3 NAG O . -33.71 71.23 -32.88
O4 NAG O . -35.42 69.74 -31.06
O5 NAG O . -32.06 69.22 -29.70
O6 NAG O . -33.96 67.72 -27.89
O7 NAG O . -29.59 71.99 -32.80
C1 NAG P . -34.88 0.60 -9.48
C2 NAG P . -35.39 0.13 -10.83
C3 NAG P . -36.87 0.48 -11.00
C4 NAG P . -37.68 0.03 -9.80
C5 NAG P . -37.03 0.51 -8.50
C6 NAG P . -37.79 0.00 -7.28
C7 NAG P . -33.52 0.16 -12.37
C8 NAG P . -33.62 -1.31 -12.62
N2 NAG P . -34.61 0.74 -11.89
O3 NAG P . -37.37 -0.18 -12.18
O4 NAG P . -39.00 0.56 -9.89
O5 NAG P . -35.68 0.04 -8.44
O6 NAG P . -38.76 0.98 -6.88
O7 NAG P . -32.50 0.79 -12.58
C1 NAG Q . -41.45 -5.94 9.68
C2 NAG Q . -42.67 -6.85 9.77
C3 NAG Q . -43.88 -6.02 10.22
C4 NAG Q . -43.55 -5.34 11.56
C5 NAG Q . -42.29 -4.49 11.39
C6 NAG Q . -41.93 -3.86 12.74
C7 NAG Q . -42.30 -8.56 8.08
C8 NAG Q . -42.58 -9.17 6.73
N2 NAG Q . -42.95 -7.43 8.46
O3 NAG Q . -45.01 -6.87 10.38
O4 NAG Q . -44.65 -4.51 11.94
O5 NAG Q . -41.22 -5.31 10.95
O6 NAG Q . -40.82 -2.97 12.56
O7 NAG Q . -41.50 -9.08 8.82
C1 CLR R . -10.13 49.83 -22.46
C2 CLR R . -10.77 51.23 -22.16
C3 CLR R . -9.84 52.27 -22.82
C4 CLR R . -9.92 52.11 -24.33
C5 CLR R . -9.39 50.73 -24.68
C6 CLR R . -8.44 50.68 -25.64
C7 CLR R . -7.74 49.43 -26.07
C8 CLR R . -8.62 48.24 -25.73
C9 CLR R . -8.97 48.32 -24.23
C10 CLR R . -9.93 49.51 -23.96
C11 CLR R . -9.44 46.98 -23.63
C12 CLR R . -8.60 45.76 -24.08
C13 CLR R . -8.61 45.66 -25.63
C14 CLR R . -7.93 46.94 -26.13
C15 CLR R . -7.63 46.70 -27.61
C16 CLR R . -7.40 45.19 -27.65
C17 CLR R . -7.70 44.59 -26.26
C18 CLR R . -10.02 45.46 -26.21
C19 CLR R . -11.29 49.22 -24.56
C20 CLR R . -8.14 43.13 -26.31
C21 CLR R . -8.72 42.63 -25.00
C22 CLR R . -6.94 42.26 -26.65
C23 CLR R . -7.33 40.85 -27.11
C24 CLR R . -8.19 40.92 -28.35
C25 CLR R . -8.22 39.56 -29.02
C26 CLR R . -9.13 39.55 -30.25
C27 CLR R . -6.81 39.16 -29.39
O1 CLR R . -10.19 53.61 -22.47
#